data_3AFL
#
_entry.id   3AFL
#
_cell.length_a   81.845
_cell.length_b   99.643
_cell.length_c   109.168
_cell.angle_alpha   90.00
_cell.angle_beta   90.00
_cell.angle_gamma   90.00
#
_symmetry.space_group_name_H-M   'P 21 21 21'
#
loop_
_entity.id
_entity.type
_entity.pdbx_description
1 polymer 'Oligo alginate lyase'
2 branched '4-deoxy-alpha-L-erythro-hex-4-enopyranuronic acid-(1-4)-alpha-L-gulopyranuronic acid-(1-4)-alpha-L-gulopyranuronic acid'
3 water water
#
_entity_poly.entity_id   1
_entity_poly.type   'polypeptide(L)'
_entity_poly.pdbx_seq_one_letter_code
;MRPSAPAISRQTLLDEPRPGSLTIGYEPSEEAQPTENPPRFSWLPDIDDGARYVLRISTDPGFTDKKTLVFEDLAWNFFT
PDEALPDGHYHWCYALWDQKSATAHSNWSTVRSFEISEALPKTPLPGRSARHAAAQTSHPRLWLNSEQLSAFADAVAKDP
NHCGWAEFYEKSVEPWLERPVMPEPQPYPNNTRVATLWRQMYIDCQEVIYAIRHLAIAGRVLGRDDLLDASRKWLLAVAA
WDTKGATSRAYNDEAGFRVVVALAWGYDWLYDHLSEDERRTVRSVLLERTREVADHVIAHARIHVFPYDSHAVRSLSAVL
TPACIALQGESDEAGEWLDYTVEFLATLYSPWAGTDGGWAEGPHYWMTGMAYLIEAANLIRSYIGYDLYQRPFFQNTGRF
PLYTKAPGTRRANFGDDSTLGDLPGLKLGYNVRQFAGVTGNGHYQWYFDHIKADATGTEMAFYNYGWWDLNFDDLVYRHD
YPQVEAVSPADLPALAVFDDIGWATIQKDMEDPDRHLQFVFKSSPYGSLSASHGDQNAFVLYAHGEDLAIQSGYYVAFNS
QMHLNWRRQTRSKNAVLIGGKGQYAEKDKALARRAAGRIVSVEEQPGHVRIVGDATAAYQVANPLVQKVLRETHFVNDSY
FVIVDEVECSEPQELQWLCHTLGAPQTGRSSFRYNGRKAGFYGQFVYSSGGTPQISAVEGFPDIDPKEFEGLDIHHHVCA
TVPAATRHRLVTLLVPYSLKEPKRIFSFIDDQGFSTDIYFSDVDDERFKLSLPKQF
;
_entity_poly.pdbx_strand_id   A
#
# COMPACT_ATOMS: atom_id res chain seq x y z
N GLN A 11 -21.08 -20.66 -33.56
CA GLN A 11 -20.44 -19.41 -33.04
C GLN A 11 -21.31 -18.81 -31.94
N THR A 12 -20.88 -19.00 -30.70
CA THR A 12 -21.61 -18.57 -29.50
C THR A 12 -21.72 -17.04 -29.42
N LEU A 13 -22.62 -16.58 -28.57
CA LEU A 13 -22.65 -15.20 -28.14
C LEU A 13 -21.61 -15.03 -27.03
N LEU A 14 -20.96 -13.87 -27.01
CA LEU A 14 -20.01 -13.53 -25.95
C LEU A 14 -20.73 -12.70 -24.89
N ASP A 15 -20.64 -13.13 -23.64
CA ASP A 15 -21.18 -12.31 -22.56
C ASP A 15 -20.19 -11.21 -22.20
N GLU A 16 -20.67 -9.98 -22.23
CA GLU A 16 -19.89 -8.83 -21.81
C GLU A 16 -20.58 -8.20 -20.62
N PRO A 17 -20.34 -8.75 -19.41
CA PRO A 17 -21.05 -8.27 -18.22
C PRO A 17 -20.74 -6.82 -17.89
N ARG A 18 -21.70 -6.13 -17.28
CA ARG A 18 -21.45 -4.78 -16.82
C ARG A 18 -20.54 -4.84 -15.59
N PRO A 19 -19.47 -4.00 -15.55
CA PRO A 19 -18.52 -3.96 -14.43
C PRO A 19 -19.20 -3.59 -13.11
N GLY A 20 -18.52 -3.85 -12.02
CA GLY A 20 -19.03 -3.58 -10.68
C GLY A 20 -17.99 -2.85 -9.87
N SER A 21 -18.39 -2.36 -8.71
CA SER A 21 -17.50 -1.56 -7.88
C SER A 21 -16.28 -2.35 -7.37
N LEU A 22 -16.47 -3.66 -7.18
CA LEU A 22 -15.42 -4.53 -6.64
C LEU A 22 -14.85 -5.55 -7.65
N THR A 23 -15.08 -5.28 -8.93
CA THR A 23 -14.50 -6.08 -9.99
C THR A 23 -13.43 -5.28 -10.70
N ILE A 24 -12.73 -5.91 -11.64
CA ILE A 24 -11.88 -5.19 -12.59
C ILE A 24 -12.76 -4.48 -13.66
N GLY A 25 -12.12 -3.66 -14.50
CA GLY A 25 -12.83 -2.97 -15.57
C GLY A 25 -12.30 -3.38 -16.93
N TYR A 26 -12.84 -2.75 -17.97
CA TYR A 26 -12.36 -2.95 -19.33
C TYR A 26 -11.34 -1.88 -19.66
N GLU A 27 -10.08 -2.29 -19.83
CA GLU A 27 -8.97 -1.37 -20.08
C GLU A 27 -8.13 -1.84 -21.25
N PRO A 28 -7.66 -0.90 -22.10
CA PRO A 28 -7.84 0.54 -22.01
C PRO A 28 -9.07 1.03 -22.77
N SER A 29 -9.54 2.23 -22.42
CA SER A 29 -10.65 2.84 -23.12
C SER A 29 -10.46 4.34 -23.17
N GLU A 30 -11.35 5.02 -23.90
CA GLU A 30 -11.40 6.47 -23.91
C GLU A 30 -11.53 6.98 -22.47
N GLU A 31 -12.29 6.24 -21.65
CA GLU A 31 -12.50 6.53 -20.22
C GLU A 31 -11.25 6.28 -19.37
N ALA A 32 -10.34 5.45 -19.86
CA ALA A 32 -9.11 5.11 -19.12
C ALA A 32 -7.93 4.85 -20.07
N GLN A 33 -7.21 5.91 -20.41
CA GLN A 33 -6.11 5.82 -21.37
C GLN A 33 -4.94 5.04 -20.79
N PRO A 34 -4.20 4.30 -21.65
CA PRO A 34 -3.07 3.50 -21.20
C PRO A 34 -1.91 4.34 -20.69
N THR A 35 -1.31 3.92 -19.59
CA THR A 35 -0.14 4.60 -19.02
C THR A 35 1.15 3.89 -19.41
N GLU A 36 1.02 2.82 -20.20
CA GLU A 36 2.18 2.05 -20.62
C GLU A 36 2.09 1.61 -22.07
N ASN A 37 3.25 1.41 -22.69
CA ASN A 37 3.32 0.85 -24.03
C ASN A 37 4.10 -0.45 -24.01
N PRO A 38 3.43 -1.57 -24.37
CA PRO A 38 2.05 -1.70 -24.82
C PRO A 38 1.06 -1.66 -23.66
N PRO A 39 -0.19 -1.25 -23.93
CA PRO A 39 -1.25 -1.14 -22.92
C PRO A 39 -1.51 -2.42 -22.15
N ARG A 40 -2.08 -2.27 -20.96
CA ARG A 40 -2.50 -3.39 -20.14
C ARG A 40 -3.95 -3.70 -20.49
N PHE A 41 -4.20 -4.93 -20.91
CA PHE A 41 -5.52 -5.31 -21.38
C PHE A 41 -6.23 -6.19 -20.38
N SER A 42 -7.41 -5.75 -19.96
CA SER A 42 -8.27 -6.53 -19.08
C SER A 42 -9.72 -6.41 -19.53
N TRP A 43 -10.46 -7.50 -19.37
CA TRP A 43 -11.89 -7.54 -19.61
C TRP A 43 -12.49 -8.55 -18.65
N LEU A 44 -13.78 -8.41 -18.36
CA LEU A 44 -14.48 -9.36 -17.49
C LEU A 44 -14.78 -10.63 -18.27
N PRO A 45 -14.66 -11.80 -17.63
CA PRO A 45 -14.67 -13.07 -18.37
C PRO A 45 -16.03 -13.44 -18.95
N ASP A 46 -16.03 -14.34 -19.92
CA ASP A 46 -17.26 -14.85 -20.51
C ASP A 46 -17.97 -15.75 -19.51
N ILE A 47 -19.15 -16.22 -19.89
CA ILE A 47 -19.93 -17.13 -19.06
C ILE A 47 -19.23 -18.49 -18.88
N ASP A 48 -18.48 -18.92 -19.89
CA ASP A 48 -17.84 -20.24 -19.92
C ASP A 48 -16.52 -20.24 -19.16
N ASP A 49 -16.59 -20.48 -17.85
CA ASP A 49 -15.40 -20.34 -16.97
C ASP A 49 -14.10 -21.00 -17.47
N GLY A 50 -14.22 -22.10 -18.22
CA GLY A 50 -13.08 -22.64 -18.95
C GLY A 50 -13.06 -22.13 -20.39
N ALA A 51 -12.45 -20.98 -20.61
CA ALA A 51 -12.38 -20.40 -21.96
C ALA A 51 -11.07 -19.69 -22.22
N ARG A 52 -10.71 -19.65 -23.49
CA ARG A 52 -9.50 -18.99 -23.93
C ARG A 52 -9.89 -17.92 -24.93
N TYR A 53 -9.15 -16.81 -24.94
CA TYR A 53 -9.53 -15.63 -25.71
C TYR A 53 -8.60 -15.32 -26.88
N VAL A 54 -9.09 -14.47 -27.77
CA VAL A 54 -8.29 -13.89 -28.85
C VAL A 54 -8.52 -12.39 -28.90
N LEU A 55 -7.43 -11.63 -29.01
CA LEU A 55 -7.45 -10.18 -28.91
C LEU A 55 -6.99 -9.51 -30.20
N ARG A 56 -7.76 -8.53 -30.66
CA ARG A 56 -7.44 -7.79 -31.89
C ARG A 56 -7.04 -6.36 -31.56
N ILE A 57 -6.01 -5.86 -32.24
CA ILE A 57 -5.58 -4.46 -32.10
C ILE A 57 -5.23 -3.89 -33.47
N SER A 58 -5.68 -2.66 -33.73
CA SER A 58 -5.51 -2.01 -35.04
C SER A 58 -5.68 -0.49 -35.00
N THR A 59 -4.91 0.22 -35.82
CA THR A 59 -5.12 1.66 -36.07
C THR A 59 -6.31 1.84 -37.01
N ASP A 60 -6.60 0.77 -37.74
CA ASP A 60 -7.72 0.72 -38.67
C ASP A 60 -8.98 0.37 -37.90
N PRO A 61 -10.01 1.25 -37.98
CA PRO A 61 -11.24 0.97 -37.23
C PRO A 61 -12.00 -0.23 -37.82
N GLY A 62 -11.67 -0.58 -39.06
CA GLY A 62 -12.25 -1.72 -39.73
C GLY A 62 -11.53 -3.03 -39.44
N PHE A 63 -10.45 -2.96 -38.67
CA PHE A 63 -9.64 -4.12 -38.29
C PHE A 63 -9.13 -4.98 -39.47
N THR A 64 -8.60 -4.36 -40.52
CA THR A 64 -8.08 -5.12 -41.67
C THR A 64 -6.85 -5.97 -41.31
N ASP A 65 -6.67 -7.09 -42.00
CA ASP A 65 -5.54 -8.01 -41.78
C ASP A 65 -4.17 -7.35 -41.71
N LYS A 66 -3.85 -6.53 -42.70
CA LYS A 66 -2.56 -5.83 -42.76
C LYS A 66 -2.25 -5.06 -41.49
N LYS A 67 -3.27 -4.42 -40.93
CA LYS A 67 -3.04 -3.51 -39.81
C LYS A 67 -3.57 -4.01 -38.48
N THR A 68 -3.94 -5.28 -38.40
CA THR A 68 -4.38 -5.85 -37.13
C THR A 68 -3.33 -6.77 -36.56
N LEU A 69 -2.95 -6.49 -35.31
CA LEU A 69 -2.18 -7.42 -34.50
C LEU A 69 -3.15 -8.35 -33.78
N VAL A 70 -2.86 -9.65 -33.86
CA VAL A 70 -3.74 -10.65 -33.25
C VAL A 70 -3.01 -11.49 -32.20
N PHE A 71 -3.64 -11.61 -31.04
CA PHE A 71 -3.11 -12.45 -29.97
C PHE A 71 -4.08 -13.55 -29.68
N GLU A 72 -3.62 -14.79 -29.85
CA GLU A 72 -4.50 -15.95 -29.77
C GLU A 72 -4.15 -16.83 -28.59
N ASP A 73 -5.13 -17.63 -28.18
CA ASP A 73 -4.96 -18.68 -27.17
C ASP A 73 -4.66 -18.11 -25.79
N LEU A 74 -5.15 -16.89 -25.54
CA LEU A 74 -4.99 -16.21 -24.25
C LEU A 74 -5.72 -16.91 -23.11
N ALA A 75 -4.95 -17.64 -22.30
CA ALA A 75 -5.49 -18.40 -21.19
C ALA A 75 -6.31 -17.53 -20.24
N TRP A 76 -5.89 -16.28 -20.07
CA TRP A 76 -6.51 -15.43 -19.07
C TRP A 76 -7.25 -14.24 -19.66
N ASN A 77 -8.12 -13.66 -18.84
CA ASN A 77 -8.95 -12.52 -19.24
C ASN A 77 -8.22 -11.20 -19.05
N PHE A 78 -6.89 -11.27 -19.03
CA PHE A 78 -6.01 -10.11 -18.95
C PHE A 78 -4.69 -10.44 -19.62
N PHE A 79 -4.07 -9.44 -20.23
CA PHE A 79 -2.94 -9.67 -21.12
C PHE A 79 -2.06 -8.45 -21.28
N THR A 80 -0.76 -8.69 -21.42
CA THR A 80 0.19 -7.65 -21.84
C THR A 80 1.07 -8.16 -22.99
N PRO A 81 1.00 -7.48 -24.16
CA PRO A 81 1.78 -7.84 -25.37
C PRO A 81 3.29 -7.77 -25.15
N ASP A 82 4.04 -8.52 -25.94
CA ASP A 82 5.50 -8.59 -25.76
C ASP A 82 6.32 -7.55 -26.53
N GLU A 83 5.64 -6.70 -27.31
CA GLU A 83 6.28 -5.55 -27.97
C GLU A 83 5.44 -4.29 -27.75
N ALA A 84 6.10 -3.14 -27.66
CA ALA A 84 5.41 -1.85 -27.62
C ALA A 84 4.78 -1.54 -28.98
N LEU A 85 3.85 -0.58 -28.98
CA LEU A 85 3.16 -0.17 -30.19
C LEU A 85 3.74 1.13 -30.72
N PRO A 86 3.83 1.29 -32.06
CA PRO A 86 4.05 2.61 -32.65
C PRO A 86 2.96 3.60 -32.25
N ASP A 87 3.29 4.89 -32.19
CA ASP A 87 2.34 5.91 -31.77
C ASP A 87 1.11 5.99 -32.68
N GLY A 88 0.04 6.59 -32.17
CA GLY A 88 -1.17 6.75 -32.96
C GLY A 88 -2.48 6.41 -32.27
N HIS A 89 -3.56 6.45 -33.05
CA HIS A 89 -4.92 6.21 -32.57
C HIS A 89 -5.30 4.74 -32.81
N TYR A 90 -5.73 4.06 -31.73
CA TYR A 90 -5.89 2.62 -31.75
C TYR A 90 -7.30 2.11 -31.43
N HIS A 91 -7.61 0.90 -31.88
CA HIS A 91 -8.88 0.23 -31.59
C HIS A 91 -8.63 -1.22 -31.22
N TRP A 92 -9.37 -1.71 -30.23
CA TRP A 92 -9.22 -3.09 -29.81
C TRP A 92 -10.53 -3.77 -29.39
N CYS A 93 -10.57 -5.08 -29.59
CA CYS A 93 -11.70 -5.93 -29.18
C CYS A 93 -11.26 -7.38 -29.02
N TYR A 94 -12.06 -8.15 -28.29
CA TYR A 94 -11.69 -9.52 -27.94
C TYR A 94 -12.84 -10.46 -28.23
N ALA A 95 -12.55 -11.77 -28.25
CA ALA A 95 -13.57 -12.79 -28.45
C ALA A 95 -13.16 -14.11 -27.82
N LEU A 96 -14.08 -15.07 -27.83
CA LEU A 96 -13.77 -16.45 -27.45
C LEU A 96 -12.92 -17.08 -28.54
N TRP A 97 -12.00 -17.95 -28.15
CA TRP A 97 -11.09 -18.58 -29.08
C TRP A 97 -11.12 -20.09 -28.88
N ASP A 98 -11.40 -20.82 -29.97
CA ASP A 98 -11.35 -22.29 -29.92
C ASP A 98 -9.95 -22.82 -30.26
N GLN A 99 -9.36 -23.48 -29.27
CA GLN A 99 -7.96 -23.93 -29.30
C GLN A 99 -7.64 -24.88 -30.46
N LYS A 100 -8.42 -25.95 -30.57
CA LYS A 100 -8.15 -26.99 -31.58
C LYS A 100 -8.42 -26.51 -33.01
N SER A 101 -9.58 -25.90 -33.23
CA SER A 101 -9.96 -25.40 -34.55
C SER A 101 -9.12 -24.19 -34.96
N ALA A 102 -8.35 -23.67 -34.02
CA ALA A 102 -7.53 -22.46 -34.22
C ALA A 102 -8.31 -21.32 -34.87
N THR A 103 -9.45 -20.97 -34.27
CA THR A 103 -10.31 -19.91 -34.80
C THR A 103 -11.19 -19.26 -33.73
N ALA A 104 -11.54 -17.99 -33.96
CA ALA A 104 -12.50 -17.28 -33.11
C ALA A 104 -13.84 -17.98 -33.19
N HIS A 105 -14.52 -18.12 -32.05
CA HIS A 105 -15.80 -18.81 -32.05
C HIS A 105 -16.89 -18.06 -31.26
N SER A 106 -16.78 -16.73 -31.24
CA SER A 106 -17.86 -15.88 -30.76
C SER A 106 -17.80 -14.50 -31.40
N ASN A 107 -18.95 -13.84 -31.52
CA ASN A 107 -19.00 -12.43 -31.88
C ASN A 107 -17.92 -11.66 -31.12
N TRP A 108 -17.29 -10.69 -31.79
CA TRP A 108 -16.28 -9.86 -31.14
C TRP A 108 -16.93 -8.89 -30.17
N SER A 109 -16.14 -8.39 -29.23
CA SER A 109 -16.61 -7.49 -28.19
C SER A 109 -16.94 -6.11 -28.74
N THR A 110 -17.35 -5.21 -27.83
CA THR A 110 -17.52 -3.81 -28.15
C THR A 110 -16.13 -3.27 -28.49
N VAL A 111 -16.04 -2.41 -29.49
CA VAL A 111 -14.77 -1.81 -29.87
C VAL A 111 -14.44 -0.67 -28.92
N ARG A 112 -13.26 -0.75 -28.29
CA ARG A 112 -12.79 0.32 -27.41
C ARG A 112 -11.51 0.95 -27.97
N SER A 113 -11.33 2.23 -27.68
CA SER A 113 -10.24 3.01 -28.26
C SER A 113 -9.23 3.52 -27.25
N PHE A 114 -7.99 3.69 -27.71
CA PHE A 114 -6.91 4.21 -26.89
C PHE A 114 -5.83 4.87 -27.73
N GLU A 115 -5.04 5.72 -27.10
CA GLU A 115 -4.05 6.50 -27.79
C GLU A 115 -2.66 6.17 -27.25
N ILE A 116 -1.71 5.96 -28.15
CA ILE A 116 -0.32 5.70 -27.77
C ILE A 116 0.53 6.93 -28.09
N SER A 117 1.40 7.32 -27.16
CA SER A 117 2.36 8.40 -27.40
C SER A 117 3.77 7.97 -27.03
N GLU A 118 4.74 8.75 -27.49
CA GLU A 118 6.14 8.51 -27.21
C GLU A 118 6.45 8.73 -25.73
N ALA A 119 5.65 9.59 -25.10
CA ALA A 119 5.79 9.89 -23.69
C ALA A 119 5.49 8.71 -22.75
N LEU A 120 4.79 7.69 -23.25
CA LEU A 120 4.44 6.52 -22.44
C LEU A 120 5.60 5.53 -22.34
N PRO A 121 6.00 5.18 -21.10
CA PRO A 121 7.06 4.19 -20.87
C PRO A 121 6.86 2.95 -21.71
N LYS A 122 7.95 2.40 -22.23
CA LYS A 122 7.90 1.19 -23.05
C LYS A 122 8.23 -0.03 -22.21
N THR A 123 7.19 -0.75 -21.77
CA THR A 123 7.34 -1.82 -20.80
C THR A 123 6.68 -3.11 -21.25
N PRO A 124 7.18 -3.73 -22.33
CA PRO A 124 6.54 -4.96 -22.82
C PRO A 124 6.73 -6.12 -21.85
N LEU A 125 5.87 -7.12 -21.97
CA LEU A 125 6.01 -8.36 -21.20
C LEU A 125 6.34 -9.51 -22.13
N PRO A 126 7.57 -10.04 -22.03
CA PRO A 126 8.00 -11.21 -22.77
C PRO A 126 7.01 -12.38 -22.63
N GLY A 127 6.65 -12.98 -23.76
CA GLY A 127 5.67 -14.05 -23.81
C GLY A 127 6.14 -15.31 -23.12
N ARG A 128 5.22 -16.26 -22.95
CA ARG A 128 5.51 -17.49 -22.22
C ARG A 128 6.68 -18.28 -22.79
N SER A 129 6.74 -18.42 -24.12
CA SER A 129 7.88 -19.06 -24.78
C SER A 129 9.19 -18.44 -24.34
N ALA A 130 9.31 -17.13 -24.56
CA ALA A 130 10.47 -16.37 -24.13
C ALA A 130 10.75 -16.62 -22.64
N ARG A 131 9.76 -16.34 -21.79
CA ARG A 131 9.96 -16.47 -20.34
C ARG A 131 10.43 -17.85 -19.95
N HIS A 132 9.76 -18.89 -20.47
CA HIS A 132 10.14 -20.27 -20.15
C HIS A 132 11.56 -20.64 -20.62
N ALA A 133 11.96 -20.10 -21.77
CA ALA A 133 13.27 -20.41 -22.36
C ALA A 133 14.43 -19.71 -21.66
N ALA A 134 14.19 -18.53 -21.11
CA ALA A 134 15.25 -17.80 -20.41
C ALA A 134 15.43 -18.31 -18.96
N ALA A 135 14.55 -19.21 -18.54
CA ALA A 135 14.58 -19.75 -17.17
C ALA A 135 15.61 -20.85 -17.01
N GLN A 136 16.43 -20.73 -15.98
CA GLN A 136 17.41 -21.75 -15.64
C GLN A 136 16.73 -23.00 -15.07
N THR A 137 17.38 -24.15 -15.22
CA THR A 137 16.75 -25.44 -14.89
C THR A 137 17.45 -26.14 -13.73
N SER A 138 18.66 -25.68 -13.42
CA SER A 138 19.46 -26.21 -12.32
C SER A 138 19.26 -25.35 -11.08
N HIS A 139 19.30 -25.98 -9.90
CA HIS A 139 19.20 -25.26 -8.63
C HIS A 139 20.59 -24.91 -8.12
N PRO A 140 20.79 -23.70 -7.53
CA PRO A 140 19.80 -22.73 -7.09
C PRO A 140 19.25 -21.80 -8.18
N ARG A 141 18.08 -21.22 -7.90
CA ARG A 141 17.39 -20.30 -8.80
C ARG A 141 17.02 -19.04 -8.06
N LEU A 142 16.69 -19.19 -6.78
CA LEU A 142 16.23 -18.06 -5.95
C LEU A 142 17.39 -17.17 -5.51
N TRP A 143 17.24 -15.89 -5.85
CA TRP A 143 18.26 -14.86 -5.68
C TRP A 143 19.49 -15.07 -6.58
N LEU A 144 20.32 -16.05 -6.23
CA LEU A 144 21.49 -16.42 -7.05
C LEU A 144 21.27 -17.74 -7.76
N ASN A 145 21.87 -17.86 -8.93
CA ASN A 145 21.93 -19.14 -9.63
C ASN A 145 23.30 -19.78 -9.43
N SER A 146 23.54 -20.90 -10.11
CA SER A 146 24.70 -21.73 -9.82
C SER A 146 26.06 -21.03 -10.03
N GLU A 147 26.19 -20.31 -11.15
CA GLU A 147 27.41 -19.57 -11.47
C GLU A 147 27.55 -18.29 -10.63
N GLN A 148 26.43 -17.62 -10.40
CA GLN A 148 26.40 -16.46 -9.51
C GLN A 148 26.81 -16.81 -8.09
N LEU A 149 26.48 -18.01 -7.66
CA LEU A 149 26.86 -18.51 -6.34
C LEU A 149 28.36 -18.73 -6.29
N SER A 150 28.86 -19.46 -7.28
CA SER A 150 30.28 -19.76 -7.39
C SER A 150 31.12 -18.48 -7.44
N ALA A 151 30.65 -17.52 -8.24
CA ALA A 151 31.32 -16.22 -8.38
C ALA A 151 31.35 -15.50 -7.05
N PHE A 152 30.20 -15.47 -6.39
CA PHE A 152 30.01 -14.78 -5.12
C PHE A 152 30.80 -15.46 -4.00
N ALA A 153 30.85 -16.79 -4.02
CA ALA A 153 31.61 -17.57 -3.04
C ALA A 153 33.11 -17.29 -3.09
N ASP A 154 33.66 -17.24 -4.30
CA ASP A 154 35.04 -16.79 -4.53
C ASP A 154 35.26 -15.40 -3.95
N ALA A 155 34.28 -14.53 -4.09
CA ALA A 155 34.39 -13.17 -3.60
C ALA A 155 34.43 -13.11 -2.07
N VAL A 156 33.69 -14.01 -1.42
CA VAL A 156 33.61 -14.02 0.04
C VAL A 156 34.90 -14.56 0.65
N ALA A 157 35.50 -15.54 -0.05
CA ALA A 157 36.81 -16.09 0.32
C ALA A 157 37.92 -15.03 0.30
N LYS A 158 37.80 -14.07 -0.61
CA LYS A 158 38.78 -12.99 -0.75
C LYS A 158 38.58 -11.87 0.28
N ASP A 159 37.32 -11.46 0.47
CA ASP A 159 36.98 -10.48 1.50
C ASP A 159 35.74 -10.91 2.29
N PRO A 160 35.93 -11.36 3.55
CA PRO A 160 34.82 -11.88 4.36
C PRO A 160 33.71 -10.84 4.60
N ASN A 161 34.03 -9.57 4.31
CA ASN A 161 33.07 -8.48 4.46
C ASN A 161 32.44 -8.01 3.15
N HIS A 162 32.58 -8.82 2.11
CA HIS A 162 31.98 -8.51 0.82
C HIS A 162 30.48 -8.35 0.97
N CYS A 163 29.93 -7.24 0.47
CA CYS A 163 28.50 -6.90 0.56
C CYS A 163 27.95 -6.94 1.99
N GLY A 164 28.85 -6.98 2.96
CA GLY A 164 28.47 -7.07 4.37
C GLY A 164 28.20 -8.49 4.80
N TRP A 165 28.89 -9.44 4.19
CA TRP A 165 28.66 -10.85 4.46
C TRP A 165 28.79 -11.20 5.94
N ALA A 166 29.95 -10.93 6.54
CA ALA A 166 30.21 -11.34 7.92
C ALA A 166 29.23 -10.74 8.95
N GLU A 167 28.68 -9.57 8.64
CA GLU A 167 27.66 -8.94 9.48
C GLU A 167 26.38 -9.76 9.38
N PHE A 168 26.02 -10.16 8.16
CA PHE A 168 24.93 -11.10 7.94
C PHE A 168 25.19 -12.41 8.66
N TYR A 169 26.37 -12.99 8.43
CA TYR A 169 26.74 -14.25 9.06
C TYR A 169 26.63 -14.18 10.58
N GLU A 170 27.22 -13.14 11.15
CA GLU A 170 27.32 -13.00 12.60
C GLU A 170 25.96 -12.98 13.29
N LYS A 171 24.98 -12.31 12.69
CA LYS A 171 23.67 -12.16 13.35
C LYS A 171 22.49 -12.91 12.71
N SER A 172 22.58 -13.19 11.42
CA SER A 172 21.47 -13.84 10.72
C SER A 172 21.68 -15.31 10.39
N VAL A 173 22.88 -15.82 10.64
CA VAL A 173 23.22 -17.22 10.37
C VAL A 173 23.62 -17.98 11.64
N GLU A 174 24.59 -17.43 12.37
CA GLU A 174 25.16 -18.12 13.51
C GLU A 174 24.17 -18.49 14.63
N PRO A 175 23.34 -17.53 15.11
CA PRO A 175 22.45 -17.83 16.24
C PRO A 175 21.51 -19.03 16.00
N TRP A 176 21.47 -19.54 14.77
CA TRP A 176 20.60 -20.65 14.40
C TRP A 176 21.24 -22.00 14.67
N LEU A 177 22.57 -22.00 14.73
CA LEU A 177 23.35 -23.18 15.06
C LEU A 177 23.07 -23.70 16.47
N GLU A 178 23.00 -22.80 17.45
CA GLU A 178 22.76 -23.20 18.84
C GLU A 178 21.27 -23.24 19.25
N ARG A 179 20.36 -23.11 18.28
CA ARG A 179 18.91 -23.07 18.59
C ARG A 179 18.14 -24.34 18.22
N PRO A 180 17.36 -24.88 19.17
CA PRO A 180 16.50 -26.03 18.87
C PRO A 180 15.52 -25.72 17.74
N VAL A 181 15.32 -26.69 16.85
CA VAL A 181 14.38 -26.58 15.73
C VAL A 181 12.98 -26.26 16.25
N MET A 182 12.34 -25.27 15.63
CA MET A 182 11.02 -24.78 16.01
C MET A 182 9.94 -25.89 16.08
N PRO A 183 9.44 -26.19 17.29
CA PRO A 183 8.33 -27.11 17.39
C PRO A 183 7.14 -26.66 16.54
N GLU A 184 6.44 -27.60 15.91
CA GLU A 184 5.25 -27.28 15.11
C GLU A 184 4.19 -26.57 15.97
N PRO A 185 3.73 -25.39 15.53
CA PRO A 185 2.71 -24.64 16.24
C PRO A 185 1.41 -25.41 16.46
N GLN A 186 0.80 -25.21 17.63
CA GLN A 186 -0.42 -25.88 18.04
C GLN A 186 -1.63 -25.09 17.60
N PRO A 187 -2.80 -25.76 17.43
CA PRO A 187 -4.05 -25.02 17.15
C PRO A 187 -4.50 -24.14 18.33
N TYR A 188 -5.23 -23.06 18.06
CA TYR A 188 -5.69 -22.17 19.12
C TYR A 188 -6.66 -22.94 19.98
N PRO A 189 -6.54 -22.84 21.33
CA PRO A 189 -7.59 -23.24 22.26
C PRO A 189 -8.98 -22.90 21.74
N ASN A 190 -9.77 -23.94 21.42
CA ASN A 190 -11.15 -23.80 20.91
C ASN A 190 -11.30 -23.40 19.45
N ASN A 191 -10.18 -23.31 18.74
CA ASN A 191 -10.15 -22.77 17.36
C ASN A 191 -10.66 -21.32 17.28
N THR A 192 -10.52 -20.58 18.36
CA THR A 192 -10.91 -19.18 18.36
C THR A 192 -9.66 -18.33 18.14
N ARG A 193 -9.58 -17.69 16.97
CA ARG A 193 -8.46 -16.82 16.65
C ARG A 193 -8.29 -15.80 17.79
N VAL A 194 -7.09 -15.76 18.36
CA VAL A 194 -6.71 -14.77 19.36
C VAL A 194 -5.46 -14.03 18.88
N ALA A 195 -5.53 -12.70 18.90
CA ALA A 195 -4.43 -11.84 18.46
C ALA A 195 -3.06 -12.35 18.87
N THR A 196 -2.91 -12.65 20.16
CA THR A 196 -1.65 -13.08 20.77
C THR A 196 -1.09 -14.33 20.10
N LEU A 197 -1.94 -15.34 20.00
CA LEU A 197 -1.54 -16.65 19.52
C LEU A 197 -1.34 -16.65 18.02
N TRP A 198 -2.15 -15.84 17.33
CA TRP A 198 -2.06 -15.66 15.88
C TRP A 198 -0.75 -14.98 15.46
N ARG A 199 -0.39 -13.92 16.17
CA ARG A 199 0.86 -13.21 15.91
C ARG A 199 2.07 -14.08 16.18
N GLN A 200 2.07 -14.74 17.34
CA GLN A 200 3.16 -15.59 17.77
C GLN A 200 3.38 -16.71 16.76
N MET A 201 2.28 -17.32 16.35
CA MET A 201 2.32 -18.42 15.41
C MET A 201 2.98 -18.05 14.09
N TYR A 202 2.61 -16.91 13.49
CA TYR A 202 3.24 -16.49 12.23
C TYR A 202 4.71 -16.11 12.43
N ILE A 203 5.01 -15.54 13.60
CA ILE A 203 6.40 -15.23 13.95
C ILE A 203 7.21 -16.52 14.01
N ASP A 204 6.66 -17.52 14.71
CA ASP A 204 7.28 -18.86 14.77
C ASP A 204 7.69 -19.33 13.38
N CYS A 205 6.77 -19.22 12.42
CA CYS A 205 6.99 -19.66 11.05
C CYS A 205 7.97 -18.80 10.28
N GLN A 206 8.01 -17.53 10.61
CA GLN A 206 8.97 -16.60 10.03
C GLN A 206 10.41 -17.01 10.41
N GLU A 207 10.60 -17.39 11.68
CA GLU A 207 11.90 -17.81 12.18
C GLU A 207 12.42 -19.03 11.44
N VAL A 208 11.48 -19.90 11.08
CA VAL A 208 11.72 -21.09 10.28
C VAL A 208 12.17 -20.75 8.84
N ILE A 209 11.62 -19.68 8.24
CA ILE A 209 12.18 -19.17 7.00
C ILE A 209 13.64 -18.80 7.24
N TYR A 210 13.87 -18.01 8.29
CA TYR A 210 15.21 -17.54 8.60
C TYR A 210 16.19 -18.70 8.75
N ALA A 211 15.87 -19.63 9.66
CA ALA A 211 16.74 -20.76 9.92
C ALA A 211 17.05 -21.47 8.61
N ILE A 212 16.02 -22.04 7.96
CA ILE A 212 16.23 -22.78 6.72
C ILE A 212 17.02 -21.96 5.70
N ARG A 213 16.54 -20.76 5.38
CA ARG A 213 17.08 -19.99 4.27
C ARG A 213 18.51 -19.49 4.51
N HIS A 214 18.78 -19.02 5.71
CA HIS A 214 20.09 -18.45 6.02
C HIS A 214 21.18 -19.52 6.15
N LEU A 215 20.92 -20.51 7.00
CA LEU A 215 21.81 -21.66 7.14
C LEU A 215 22.16 -22.26 5.77
N ALA A 216 21.14 -22.52 4.93
CA ALA A 216 21.37 -23.06 3.57
C ALA A 216 22.28 -22.16 2.73
N ILE A 217 21.92 -20.89 2.60
CA ILE A 217 22.73 -19.92 1.86
C ILE A 217 24.18 -19.90 2.37
N ALA A 218 24.34 -19.79 3.70
CA ALA A 218 25.66 -19.80 4.33
C ALA A 218 26.39 -21.08 3.93
N GLY A 219 25.79 -22.22 4.24
CA GLY A 219 26.40 -23.50 3.95
C GLY A 219 26.98 -23.54 2.55
N ARG A 220 26.21 -23.10 1.57
CA ARG A 220 26.61 -23.22 0.18
C ARG A 220 27.56 -22.14 -0.28
N VAL A 221 27.48 -20.96 0.35
CA VAL A 221 28.42 -19.89 0.05
C VAL A 221 29.79 -20.23 0.66
N LEU A 222 29.76 -20.75 1.89
CA LEU A 222 30.98 -21.04 2.64
C LEU A 222 31.52 -22.45 2.37
N GLY A 223 30.78 -23.24 1.59
CA GLY A 223 31.15 -24.64 1.30
C GLY A 223 31.18 -25.53 2.55
N ARG A 224 30.19 -25.37 3.43
CA ARG A 224 30.24 -26.01 4.76
C ARG A 224 29.16 -27.05 5.04
N ASP A 225 29.52 -28.33 4.95
CA ASP A 225 28.55 -29.41 5.09
C ASP A 225 27.78 -29.40 6.39
N ASP A 226 28.35 -28.80 7.43
CA ASP A 226 27.71 -28.77 8.73
C ASP A 226 26.52 -27.80 8.78
N LEU A 227 26.58 -26.75 7.98
CA LEU A 227 25.50 -25.77 7.93
C LEU A 227 24.31 -26.26 7.10
N LEU A 228 24.62 -27.01 6.04
CA LEU A 228 23.59 -27.64 5.23
C LEU A 228 22.82 -28.66 6.07
N ASP A 229 23.54 -29.44 6.88
CA ASP A 229 22.91 -30.40 7.78
C ASP A 229 21.98 -29.70 8.77
N ALA A 230 22.45 -28.61 9.36
CA ALA A 230 21.60 -27.83 10.26
C ALA A 230 20.35 -27.35 9.51
N SER A 231 20.54 -26.84 8.28
CA SER A 231 19.43 -26.36 7.46
C SER A 231 18.45 -27.48 7.11
N ARG A 232 18.99 -28.61 6.67
CA ARG A 232 18.20 -29.81 6.37
C ARG A 232 17.36 -30.26 7.57
N LYS A 233 17.99 -30.32 8.75
CA LYS A 233 17.32 -30.77 9.97
C LYS A 233 16.06 -29.96 10.20
N TRP A 234 16.18 -28.64 10.05
CA TRP A 234 15.04 -27.74 10.08
C TRP A 234 14.07 -28.02 8.94
N LEU A 235 14.57 -28.07 7.72
CA LEU A 235 13.70 -28.27 6.56
C LEU A 235 12.84 -29.54 6.70
N LEU A 236 13.43 -30.63 7.15
CA LEU A 236 12.71 -31.89 7.24
C LEU A 236 11.69 -31.88 8.37
N ALA A 237 12.07 -31.29 9.50
CA ALA A 237 11.14 -31.15 10.63
C ALA A 237 9.89 -30.40 10.17
N VAL A 238 10.08 -29.44 9.29
CA VAL A 238 9.01 -28.57 8.81
C VAL A 238 8.15 -29.24 7.74
N ALA A 239 8.78 -29.89 6.77
CA ALA A 239 8.06 -30.62 5.74
C ALA A 239 7.19 -31.69 6.39
N ALA A 240 7.55 -32.06 7.63
CA ALA A 240 6.80 -33.02 8.40
C ALA A 240 5.60 -32.42 9.14
N TRP A 241 5.53 -31.10 9.28
CA TRP A 241 4.36 -30.48 9.92
C TRP A 241 3.09 -30.79 9.16
N ASP A 242 1.97 -30.82 9.88
CA ASP A 242 0.69 -31.17 9.32
C ASP A 242 0.17 -30.09 8.35
N THR A 243 0.11 -30.46 7.07
CA THR A 243 -0.36 -29.57 5.99
C THR A 243 -1.83 -29.15 6.12
N LYS A 244 -2.62 -29.98 6.79
CA LYS A 244 -4.01 -29.64 7.03
C LYS A 244 -4.19 -29.24 8.48
N GLY A 245 -3.06 -29.07 9.17
CA GLY A 245 -3.07 -28.70 10.58
C GLY A 245 -3.17 -27.21 10.81
N ALA A 246 -2.60 -26.74 11.91
CA ALA A 246 -2.66 -25.33 12.29
C ALA A 246 -2.06 -24.42 11.23
N THR A 247 -0.87 -24.77 10.73
CA THR A 247 -0.12 -23.94 9.79
C THR A 247 -0.58 -24.03 8.32
N SER A 248 -1.83 -24.43 8.10
CA SER A 248 -2.41 -24.42 6.75
C SER A 248 -2.83 -22.99 6.38
N ARG A 249 -2.94 -22.73 5.08
CA ARG A 249 -3.50 -21.44 4.63
C ARG A 249 -4.86 -21.22 5.30
N ALA A 250 -5.67 -22.28 5.34
CA ALA A 250 -7.01 -22.24 5.90
C ALA A 250 -7.02 -21.77 7.36
N TYR A 251 -6.15 -22.34 8.20
CA TYR A 251 -6.19 -22.06 9.64
C TYR A 251 -5.56 -20.71 10.01
N ASN A 252 -4.43 -20.41 9.38
CA ASN A 252 -3.68 -19.17 9.62
C ASN A 252 -2.80 -18.87 8.40
N ASP A 253 -3.36 -18.16 7.42
CA ASP A 253 -2.64 -17.95 6.16
C ASP A 253 -1.32 -17.21 6.33
N GLU A 254 -1.20 -16.40 7.38
CA GLU A 254 0.07 -15.76 7.69
C GLU A 254 1.13 -16.82 8.05
N ALA A 255 0.74 -17.79 8.88
CA ALA A 255 1.62 -18.91 9.20
C ALA A 255 1.88 -19.73 7.95
N GLY A 256 0.80 -19.96 7.20
CA GLY A 256 0.83 -20.75 5.97
C GLY A 256 1.79 -20.21 4.94
N PHE A 257 1.56 -18.97 4.51
CA PHE A 257 2.45 -18.26 3.57
C PHE A 257 3.92 -18.52 3.92
N ARG A 258 4.26 -18.26 5.18
CA ARG A 258 5.63 -18.38 5.65
C ARG A 258 6.18 -19.78 5.56
N VAL A 259 5.38 -20.79 5.88
CA VAL A 259 5.90 -22.16 5.83
C VAL A 259 6.32 -22.49 4.40
N VAL A 260 5.47 -22.16 3.44
CA VAL A 260 5.75 -22.38 2.02
C VAL A 260 7.08 -21.76 1.60
N VAL A 261 7.29 -20.50 2.01
CA VAL A 261 8.50 -19.77 1.66
C VAL A 261 9.72 -20.55 2.12
N ALA A 262 9.75 -20.91 3.40
CA ALA A 262 10.84 -21.71 3.97
C ALA A 262 11.11 -22.98 3.16
N LEU A 263 10.04 -23.74 2.87
CA LEU A 263 10.15 -24.94 2.05
C LEU A 263 10.79 -24.63 0.68
N ALA A 264 10.29 -23.58 0.03
CA ALA A 264 10.82 -23.13 -1.26
C ALA A 264 12.34 -22.89 -1.24
N TRP A 265 12.83 -22.21 -0.20
CA TRP A 265 14.26 -21.88 -0.08
C TRP A 265 15.13 -23.09 0.25
N GLY A 266 14.69 -23.88 1.22
CA GLY A 266 15.37 -25.11 1.59
C GLY A 266 15.48 -26.06 0.42
N TYR A 267 14.36 -26.26 -0.28
CA TYR A 267 14.33 -27.10 -1.47
C TYR A 267 15.22 -26.61 -2.60
N ASP A 268 15.30 -25.29 -2.77
CA ASP A 268 16.01 -24.71 -3.90
C ASP A 268 17.53 -24.69 -3.69
N TRP A 269 17.94 -24.40 -2.47
CA TRP A 269 19.37 -24.29 -2.12
C TRP A 269 19.99 -25.57 -1.53
N LEU A 270 19.17 -26.48 -1.02
CA LEU A 270 19.67 -27.77 -0.53
C LEU A 270 19.39 -28.89 -1.54
N TYR A 271 18.92 -28.52 -2.72
CA TYR A 271 18.54 -29.48 -3.75
C TYR A 271 19.55 -30.58 -3.97
N ASP A 272 20.82 -30.19 -4.12
CA ASP A 272 21.90 -31.15 -4.35
C ASP A 272 22.29 -31.87 -3.08
N HIS A 273 22.08 -31.22 -1.93
CA HIS A 273 22.49 -31.80 -0.65
C HIS A 273 21.51 -32.85 -0.15
N LEU A 274 20.28 -32.78 -0.62
CA LEU A 274 19.26 -33.74 -0.24
C LEU A 274 19.49 -35.07 -0.97
N SER A 275 18.91 -36.13 -0.42
CA SER A 275 18.92 -37.43 -1.08
C SER A 275 17.65 -37.59 -1.90
N GLU A 276 17.62 -38.64 -2.72
CA GLU A 276 16.49 -38.95 -3.60
C GLU A 276 15.13 -38.77 -2.91
N ASP A 277 14.99 -39.38 -1.73
CA ASP A 277 13.74 -39.33 -0.95
C ASP A 277 13.47 -37.94 -0.43
N GLU A 278 14.46 -37.37 0.25
CA GLU A 278 14.35 -36.06 0.86
C GLU A 278 13.79 -34.99 -0.11
N ARG A 279 14.26 -35.01 -1.36
CA ARG A 279 13.75 -34.13 -2.42
C ARG A 279 12.28 -34.37 -2.71
N ARG A 280 11.91 -35.65 -2.81
CA ARG A 280 10.54 -36.04 -3.10
C ARG A 280 9.62 -35.78 -1.91
N THR A 281 10.08 -36.10 -0.69
CA THR A 281 9.33 -35.77 0.53
C THR A 281 9.04 -34.27 0.60
N VAL A 282 10.07 -33.46 0.36
CA VAL A 282 9.95 -31.99 0.39
C VAL A 282 9.08 -31.44 -0.75
N ARG A 283 9.44 -31.74 -1.99
CA ARG A 283 8.68 -31.28 -3.15
C ARG A 283 7.20 -31.58 -2.99
N SER A 284 6.93 -32.79 -2.46
CA SER A 284 5.58 -33.26 -2.20
C SER A 284 4.84 -32.32 -1.25
N VAL A 285 5.48 -32.02 -0.11
CA VAL A 285 4.88 -31.12 0.89
C VAL A 285 4.84 -29.66 0.40
N LEU A 286 5.86 -29.26 -0.37
CA LEU A 286 5.89 -27.91 -0.95
C LEU A 286 4.75 -27.70 -1.95
N LEU A 287 4.59 -28.66 -2.86
CA LEU A 287 3.62 -28.59 -3.96
C LEU A 287 2.17 -28.48 -3.47
N GLU A 288 1.85 -29.27 -2.44
CA GLU A 288 0.51 -29.30 -1.84
C GLU A 288 0.19 -27.97 -1.15
N ARG A 289 1.15 -27.47 -0.38
CA ARG A 289 1.01 -26.19 0.30
C ARG A 289 0.88 -25.03 -0.67
N THR A 290 1.70 -25.07 -1.73
CA THR A 290 1.63 -24.08 -2.80
C THR A 290 0.29 -24.19 -3.53
N ARG A 291 -0.17 -25.43 -3.75
CA ARG A 291 -1.48 -25.65 -4.36
C ARG A 291 -2.61 -24.96 -3.57
N GLU A 292 -2.62 -25.09 -2.25
CA GLU A 292 -3.65 -24.42 -1.44
C GLU A 292 -3.73 -22.91 -1.74
N VAL A 293 -2.56 -22.29 -1.83
CA VAL A 293 -2.46 -20.85 -2.12
C VAL A 293 -2.88 -20.57 -3.55
N ALA A 294 -2.28 -21.30 -4.49
CA ALA A 294 -2.57 -21.13 -5.91
C ALA A 294 -4.08 -21.23 -6.22
N ASP A 295 -4.73 -22.27 -5.69
CA ASP A 295 -6.18 -22.38 -5.82
C ASP A 295 -6.89 -21.15 -5.24
N HIS A 296 -6.63 -20.87 -3.96
CA HIS A 296 -7.28 -19.75 -3.30
C HIS A 296 -7.18 -18.44 -4.09
N VAL A 297 -5.99 -18.14 -4.59
CA VAL A 297 -5.70 -16.89 -5.30
C VAL A 297 -6.35 -16.86 -6.69
N ILE A 298 -6.24 -17.96 -7.43
CA ILE A 298 -6.70 -17.99 -8.82
C ILE A 298 -8.16 -18.36 -8.94
N ALA A 299 -8.56 -19.41 -8.24
CA ALA A 299 -9.91 -19.98 -8.40
C ALA A 299 -10.90 -19.43 -7.38
N HIS A 300 -10.48 -19.32 -6.11
CA HIS A 300 -11.37 -18.88 -5.02
C HIS A 300 -11.68 -17.38 -5.08
N ALA A 301 -10.71 -16.56 -4.66
CA ALA A 301 -10.87 -15.12 -4.69
C ALA A 301 -10.93 -14.58 -6.12
N ARG A 302 -10.31 -15.29 -7.07
CA ARG A 302 -10.24 -14.88 -8.47
C ARG A 302 -9.89 -13.40 -8.61
N ILE A 303 -8.66 -13.05 -8.24
CA ILE A 303 -8.24 -11.65 -8.23
C ILE A 303 -8.08 -11.02 -9.63
N HIS A 304 -8.20 -11.82 -10.68
CA HIS A 304 -8.31 -11.31 -12.04
C HIS A 304 -9.76 -10.96 -12.37
N VAL A 305 -10.64 -11.10 -11.38
CA VAL A 305 -12.01 -10.60 -11.47
C VAL A 305 -12.32 -9.73 -10.25
N PHE A 306 -12.12 -10.27 -9.06
CA PHE A 306 -12.30 -9.52 -7.82
C PHE A 306 -10.93 -9.25 -7.22
N PRO A 307 -10.33 -8.10 -7.56
CA PRO A 307 -8.94 -7.89 -7.21
C PRO A 307 -8.74 -7.36 -5.79
N TYR A 308 -9.77 -6.82 -5.17
CA TYR A 308 -9.61 -6.21 -3.84
C TYR A 308 -9.59 -7.24 -2.70
N ASP A 309 -8.54 -8.07 -2.70
CA ASP A 309 -8.26 -9.01 -1.63
C ASP A 309 -6.82 -8.82 -1.18
N SER A 310 -6.67 -8.21 -0.02
CA SER A 310 -5.37 -7.92 0.58
C SER A 310 -4.40 -9.10 0.54
N HIS A 311 -4.65 -10.14 1.30
CA HIS A 311 -3.73 -11.24 1.39
C HIS A 311 -3.53 -12.01 0.12
N ALA A 312 -4.53 -12.11 -0.72
CA ALA A 312 -4.39 -12.79 -2.00
C ALA A 312 -3.42 -12.07 -2.91
N VAL A 313 -3.69 -10.78 -3.16
CA VAL A 313 -2.80 -9.95 -3.97
C VAL A 313 -1.36 -10.06 -3.45
N ARG A 314 -1.18 -9.79 -2.16
CA ARG A 314 0.12 -9.88 -1.52
C ARG A 314 0.78 -11.26 -1.69
N SER A 315 0.00 -12.32 -1.51
CA SER A 315 0.56 -13.66 -1.52
C SER A 315 1.15 -14.02 -2.87
N LEU A 316 0.80 -13.26 -3.91
CA LEU A 316 1.39 -13.41 -5.25
C LEU A 316 2.91 -13.35 -5.19
N SER A 317 3.41 -12.23 -4.67
CA SER A 317 4.83 -11.97 -4.52
C SER A 317 5.44 -12.68 -3.32
N ALA A 318 4.74 -12.61 -2.20
CA ALA A 318 5.22 -13.14 -0.93
C ALA A 318 5.36 -14.65 -0.95
N VAL A 319 4.48 -15.32 -1.68
CA VAL A 319 4.45 -16.79 -1.68
C VAL A 319 4.66 -17.39 -3.07
N LEU A 320 3.76 -17.10 -3.99
CA LEU A 320 3.75 -17.80 -5.27
C LEU A 320 5.07 -17.68 -6.03
N THR A 321 5.64 -16.48 -6.07
CA THR A 321 6.89 -16.24 -6.80
C THR A 321 8.06 -17.11 -6.34
N PRO A 322 8.48 -17.00 -5.06
CA PRO A 322 9.53 -17.92 -4.59
C PRO A 322 9.21 -19.42 -4.81
N ALA A 323 7.97 -19.82 -4.56
CA ALA A 323 7.59 -21.22 -4.65
C ALA A 323 7.58 -21.74 -6.09
N CYS A 324 6.89 -21.05 -6.98
CA CYS A 324 6.79 -21.52 -8.36
C CYS A 324 8.15 -21.56 -9.04
N ILE A 325 9.01 -20.59 -8.75
CA ILE A 325 10.39 -20.64 -9.24
C ILE A 325 11.12 -21.88 -8.71
N ALA A 326 10.99 -22.15 -7.41
CA ALA A 326 11.56 -23.35 -6.81
C ALA A 326 11.09 -24.61 -7.54
N LEU A 327 9.79 -24.70 -7.79
CA LEU A 327 9.16 -25.91 -8.31
C LEU A 327 9.25 -26.13 -9.83
N GLN A 328 9.71 -25.14 -10.60
CA GLN A 328 9.66 -25.21 -12.07
C GLN A 328 10.22 -26.50 -12.65
N GLY A 329 9.60 -26.97 -13.72
CA GLY A 329 10.03 -28.19 -14.41
C GLY A 329 9.69 -29.47 -13.70
N GLU A 330 9.25 -29.34 -12.44
CA GLU A 330 8.85 -30.46 -11.58
C GLU A 330 7.33 -30.49 -11.35
N SER A 331 6.60 -29.82 -12.24
CA SER A 331 5.14 -29.72 -12.20
C SER A 331 4.65 -28.80 -13.29
N ASP A 332 3.64 -29.24 -14.03
CA ASP A 332 3.02 -28.41 -15.05
C ASP A 332 2.04 -27.41 -14.44
N GLU A 333 1.56 -27.70 -13.24
CA GLU A 333 0.73 -26.77 -12.49
C GLU A 333 1.55 -25.55 -12.14
N ALA A 334 2.71 -25.78 -11.55
CA ALA A 334 3.63 -24.70 -11.16
C ALA A 334 3.99 -23.77 -12.33
N GLY A 335 4.25 -24.36 -13.50
CA GLY A 335 4.45 -23.59 -14.72
C GLY A 335 3.30 -22.64 -14.99
N GLU A 336 2.08 -23.17 -14.93
CA GLU A 336 0.86 -22.37 -15.08
C GLU A 336 0.77 -21.29 -14.00
N TRP A 337 0.95 -21.67 -12.74
CA TRP A 337 0.88 -20.75 -11.61
C TRP A 337 1.88 -19.60 -11.73
N LEU A 338 3.11 -19.92 -12.13
CA LEU A 338 4.11 -18.88 -12.30
C LEU A 338 3.65 -17.88 -13.35
N ASP A 339 3.19 -18.40 -14.49
CA ASP A 339 2.76 -17.57 -15.59
C ASP A 339 1.65 -16.61 -15.17
N TYR A 340 0.62 -17.12 -14.51
CA TYR A 340 -0.39 -16.28 -13.90
C TYR A 340 0.26 -15.20 -13.04
N THR A 341 1.13 -15.62 -12.10
CA THR A 341 1.76 -14.71 -11.15
C THR A 341 2.52 -13.59 -11.85
N VAL A 342 3.33 -13.94 -12.84
CA VAL A 342 4.11 -12.95 -13.59
C VAL A 342 3.20 -12.07 -14.45
N GLU A 343 2.28 -12.68 -15.17
CA GLU A 343 1.35 -11.95 -16.03
C GLU A 343 0.46 -11.01 -15.22
N PHE A 344 0.08 -11.42 -14.01
CA PHE A 344 -0.72 -10.56 -13.14
C PHE A 344 0.07 -9.33 -12.68
N LEU A 345 1.29 -9.55 -12.22
CA LEU A 345 2.13 -8.46 -11.71
C LEU A 345 2.43 -7.46 -12.81
N ALA A 346 2.63 -7.97 -14.03
CA ALA A 346 2.88 -7.13 -15.19
C ALA A 346 1.64 -6.38 -15.69
N THR A 347 0.45 -6.97 -15.51
CA THR A 347 -0.76 -6.41 -16.11
C THR A 347 -1.74 -5.75 -15.14
N LEU A 348 -2.14 -6.48 -14.10
CA LEU A 348 -3.21 -5.99 -13.22
C LEU A 348 -2.73 -5.43 -11.89
N TYR A 349 -1.55 -5.83 -11.45
CA TYR A 349 -0.97 -5.30 -10.23
C TYR A 349 -0.71 -3.82 -10.41
N SER A 350 -1.16 -2.97 -9.48
CA SER A 350 -1.89 -3.34 -8.27
C SER A 350 -3.25 -2.63 -8.23
N PRO A 351 -4.28 -3.30 -7.68
CA PRO A 351 -5.59 -2.66 -7.57
C PRO A 351 -5.63 -1.52 -6.56
N TRP A 352 -4.67 -1.49 -5.64
CA TRP A 352 -4.62 -0.48 -4.60
C TRP A 352 -3.91 0.80 -5.05
N ALA A 353 -3.52 0.84 -6.31
CA ALA A 353 -2.69 1.93 -6.79
C ALA A 353 -2.94 2.28 -8.26
N GLY A 354 -2.63 3.52 -8.61
CA GLY A 354 -2.48 3.92 -10.01
C GLY A 354 -1.02 4.29 -10.22
N THR A 355 -0.66 4.66 -11.44
CA THR A 355 0.76 4.98 -11.76
C THR A 355 1.32 6.26 -11.12
N ASP A 356 0.48 7.00 -10.40
CA ASP A 356 0.92 8.16 -9.63
C ASP A 356 1.88 7.79 -8.47
N GLY A 357 1.89 6.51 -8.07
CA GLY A 357 2.79 6.03 -7.02
C GLY A 357 2.13 5.87 -5.64
N GLY A 358 0.93 6.43 -5.50
CA GLY A 358 0.16 6.35 -4.26
C GLY A 358 -0.35 4.94 -3.98
N TRP A 359 -0.65 4.66 -2.72
CA TRP A 359 -1.08 3.35 -2.28
C TRP A 359 -2.28 3.48 -1.34
N ALA A 360 -3.46 3.13 -1.86
CA ALA A 360 -4.75 3.39 -1.21
C ALA A 360 -4.90 2.80 0.17
N GLU A 361 -4.15 1.72 0.44
CA GLU A 361 -4.20 1.05 1.74
C GLU A 361 -3.50 1.90 2.82
N GLY A 362 -2.83 2.96 2.37
CA GLY A 362 -1.98 3.76 3.23
C GLY A 362 -0.53 3.33 3.13
N PRO A 363 0.39 4.17 3.66
CA PRO A 363 1.82 3.91 3.57
C PRO A 363 2.25 2.65 4.32
N HIS A 364 1.63 2.41 5.47
CA HIS A 364 1.99 1.26 6.26
C HIS A 364 1.76 -0.07 5.53
N TYR A 365 0.64 -0.18 4.84
CA TYR A 365 0.40 -1.33 3.97
C TYR A 365 1.34 -1.27 2.79
N TRP A 366 1.61 -0.07 2.29
CA TRP A 366 2.65 0.11 1.27
C TRP A 366 3.98 -0.53 1.69
N MET A 367 4.32 -0.38 2.96
CA MET A 367 5.53 -1.00 3.49
C MET A 367 5.58 -2.49 3.22
N THR A 368 4.54 -3.21 3.65
CA THR A 368 4.50 -4.66 3.50
C THR A 368 4.33 -5.04 2.04
N GLY A 369 3.32 -4.49 1.39
CA GLY A 369 3.02 -4.80 -0.01
C GLY A 369 4.23 -4.67 -0.91
N MET A 370 5.01 -3.60 -0.72
CA MET A 370 6.23 -3.37 -1.49
C MET A 370 7.36 -4.32 -1.06
N ALA A 371 7.62 -4.41 0.24
CA ALA A 371 8.63 -5.32 0.80
C ALA A 371 8.66 -6.65 0.05
N TYR A 372 7.47 -7.24 -0.09
CA TYR A 372 7.30 -8.52 -0.76
C TYR A 372 7.42 -8.39 -2.27
N LEU A 373 6.79 -7.37 -2.86
CA LEU A 373 6.89 -7.17 -4.30
C LEU A 373 8.35 -7.06 -4.72
N ILE A 374 9.11 -6.23 -4.00
CA ILE A 374 10.55 -6.08 -4.20
C ILE A 374 11.21 -7.45 -4.30
N GLU A 375 10.97 -8.31 -3.30
CA GLU A 375 11.45 -9.69 -3.31
C GLU A 375 11.09 -10.38 -4.62
N ALA A 376 9.81 -10.40 -4.95
CA ALA A 376 9.34 -11.06 -6.15
C ALA A 376 9.89 -10.38 -7.40
N ALA A 377 9.85 -9.05 -7.41
CA ALA A 377 10.45 -8.29 -8.49
C ALA A 377 11.90 -8.72 -8.70
N ASN A 378 12.65 -8.84 -7.61
CA ASN A 378 14.06 -9.25 -7.65
C ASN A 378 14.24 -10.68 -8.17
N LEU A 379 13.63 -11.63 -7.47
CA LEU A 379 13.68 -13.03 -7.90
C LEU A 379 13.35 -13.18 -9.40
N ILE A 380 12.26 -12.55 -9.83
CA ILE A 380 11.86 -12.59 -11.24
C ILE A 380 12.96 -12.05 -12.15
N ARG A 381 13.51 -10.90 -11.78
CA ARG A 381 14.60 -10.31 -12.55
C ARG A 381 15.75 -11.31 -12.66
N SER A 382 16.04 -11.97 -11.55
CA SER A 382 17.17 -12.87 -11.44
C SER A 382 16.94 -14.22 -12.10
N TYR A 383 15.68 -14.65 -12.15
CA TYR A 383 15.33 -15.95 -12.71
C TYR A 383 15.14 -15.93 -14.22
N ILE A 384 14.53 -14.87 -14.75
CA ILE A 384 14.19 -14.82 -16.16
C ILE A 384 14.53 -13.50 -16.84
N GLY A 385 15.09 -12.56 -16.08
CA GLY A 385 15.57 -11.30 -16.65
C GLY A 385 14.54 -10.19 -16.79
N TYR A 386 13.27 -10.52 -16.60
CA TYR A 386 12.20 -9.53 -16.71
C TYR A 386 12.18 -8.56 -15.53
N ASP A 387 12.12 -7.26 -15.85
CA ASP A 387 12.20 -6.20 -14.85
C ASP A 387 10.90 -5.39 -14.66
N LEU A 388 10.20 -5.66 -13.56
CA LEU A 388 8.94 -4.97 -13.24
C LEU A 388 9.17 -3.53 -12.83
N TYR A 389 10.39 -3.23 -12.39
CA TYR A 389 10.74 -1.90 -11.91
C TYR A 389 10.58 -0.80 -12.95
N GLN A 390 10.61 -1.17 -14.23
CA GLN A 390 10.46 -0.18 -15.31
C GLN A 390 9.03 0.37 -15.49
N ARG A 391 8.08 -0.21 -14.78
CA ARG A 391 6.69 0.23 -14.81
C ARG A 391 6.50 1.53 -14.02
N PRO A 392 5.81 2.52 -14.62
CA PRO A 392 5.65 3.85 -14.04
C PRO A 392 5.35 3.83 -12.56
N PHE A 393 4.43 2.96 -12.14
CA PHE A 393 4.07 2.95 -10.74
C PHE A 393 5.30 2.79 -9.82
N PHE A 394 6.20 1.89 -10.18
CA PHE A 394 7.38 1.66 -9.36
C PHE A 394 8.43 2.77 -9.51
N GLN A 395 8.50 3.36 -10.69
CA GLN A 395 9.29 4.58 -10.88
C GLN A 395 8.89 5.67 -9.87
N ASN A 396 7.59 5.82 -9.63
CA ASN A 396 7.04 6.92 -8.82
C ASN A 396 6.72 6.61 -7.37
N THR A 397 6.56 5.33 -7.05
CA THR A 397 5.94 4.97 -5.77
C THR A 397 6.81 5.28 -4.57
N GLY A 398 8.11 5.47 -4.82
CA GLY A 398 9.06 5.83 -3.78
C GLY A 398 8.70 7.13 -3.10
N ARG A 399 8.03 8.03 -3.83
CA ARG A 399 7.67 9.32 -3.26
C ARG A 399 6.49 9.24 -2.28
N PHE A 400 5.78 8.11 -2.28
CA PHE A 400 4.62 7.98 -1.40
C PHE A 400 5.00 8.02 0.09
N PRO A 401 5.89 7.11 0.54
CA PRO A 401 6.27 7.21 1.97
C PRO A 401 7.04 8.47 2.29
N LEU A 402 7.59 9.11 1.25
CA LEU A 402 8.37 10.32 1.41
C LEU A 402 7.50 11.47 1.89
N TYR A 403 6.29 11.55 1.34
CA TYR A 403 5.37 12.63 1.64
C TYR A 403 4.37 12.26 2.74
N THR A 404 4.34 10.99 3.14
CA THR A 404 3.34 10.50 4.10
C THR A 404 3.91 9.85 5.37
N LYS A 405 5.13 9.33 5.28
CA LYS A 405 5.84 8.79 6.44
C LYS A 405 7.22 9.41 6.49
N ALA A 406 7.29 10.73 6.46
CA ALA A 406 8.58 11.42 6.46
C ALA A 406 9.25 11.25 7.81
N PRO A 407 10.61 11.24 7.84
CA PRO A 407 11.33 10.95 9.07
C PRO A 407 10.77 11.76 10.24
N GLY A 408 10.67 11.16 11.43
CA GLY A 408 10.18 11.89 12.60
C GLY A 408 8.68 11.90 12.84
N THR A 409 7.89 11.67 11.79
CA THR A 409 6.41 11.68 11.91
C THR A 409 5.85 10.38 12.52
N ARG A 410 4.95 10.52 13.49
CA ARG A 410 4.40 9.38 14.21
C ARG A 410 2.93 9.11 13.91
N ARG A 411 2.17 10.17 13.61
CA ARG A 411 0.72 10.08 13.50
C ARG A 411 0.12 10.95 12.40
N ALA A 412 0.89 11.15 11.33
CA ALA A 412 0.49 12.04 10.27
C ALA A 412 0.24 11.33 8.95
N ASN A 413 -0.55 10.26 8.98
CA ASN A 413 -1.07 9.69 7.74
C ASN A 413 -2.39 8.96 7.94
N PHE A 414 -2.69 7.96 7.13
CA PHE A 414 -3.99 7.31 7.20
C PHE A 414 -3.93 5.80 7.05
N GLY A 415 -5.01 5.16 7.48
CA GLY A 415 -5.21 3.73 7.27
C GLY A 415 -4.62 2.89 8.38
N ASP A 416 -4.95 1.61 8.39
CA ASP A 416 -4.41 0.65 9.35
C ASP A 416 -2.88 0.76 9.43
N ASP A 417 -2.38 0.86 10.66
CA ASP A 417 -0.94 1.00 10.89
C ASP A 417 -0.53 0.28 12.15
N SER A 418 0.13 -0.85 11.94
CA SER A 418 0.64 -1.68 13.01
C SER A 418 1.56 -0.90 13.93
N THR A 419 2.25 0.09 13.36
CA THR A 419 3.27 0.87 14.07
C THR A 419 2.71 2.10 14.77
N LEU A 420 1.47 2.47 14.45
CA LEU A 420 0.89 3.75 14.85
C LEU A 420 1.45 4.33 16.16
N GLY A 421 2.16 5.45 16.04
CA GLY A 421 2.75 6.13 17.19
C GLY A 421 4.27 6.07 17.25
N ASP A 422 4.85 5.00 16.72
CA ASP A 422 6.29 4.88 16.59
C ASP A 422 6.79 5.73 15.44
N LEU A 423 8.09 5.97 15.43
CA LEU A 423 8.72 6.57 14.27
C LEU A 423 8.52 5.66 13.06
N PRO A 424 8.51 6.22 11.84
CA PRO A 424 8.36 5.41 10.63
C PRO A 424 9.25 4.20 10.66
N GLY A 425 8.70 3.04 10.28
CA GLY A 425 9.39 1.75 10.36
C GLY A 425 10.61 1.63 9.47
N LEU A 426 11.59 0.85 9.91
CA LEU A 426 12.81 0.64 9.13
C LEU A 426 12.54 0.25 7.68
N LYS A 427 11.61 -0.68 7.46
CA LYS A 427 11.42 -1.24 6.14
C LYS A 427 11.01 -0.18 5.14
N LEU A 428 10.35 0.87 5.62
CA LEU A 428 9.98 1.97 4.75
C LEU A 428 11.24 2.55 4.12
N GLY A 429 12.25 2.80 4.96
CA GLY A 429 13.56 3.25 4.50
C GLY A 429 14.12 2.25 3.49
N TYR A 430 14.19 1.00 3.94
CA TYR A 430 14.79 -0.05 3.14
C TYR A 430 14.09 -0.23 1.80
N ASN A 431 12.77 -0.05 1.78
CA ASN A 431 12.01 -0.13 0.54
C ASN A 431 12.42 1.01 -0.38
N VAL A 432 12.33 2.21 0.15
CA VAL A 432 12.67 3.41 -0.60
C VAL A 432 14.09 3.32 -1.19
N ARG A 433 15.06 2.84 -0.42
CA ARG A 433 16.44 2.68 -0.92
C ARG A 433 16.48 1.80 -2.15
N GLN A 434 15.63 0.79 -2.17
CA GLN A 434 15.49 -0.09 -3.32
C GLN A 434 15.02 0.72 -4.52
N PHE A 435 14.09 1.64 -4.30
CA PHE A 435 13.59 2.46 -5.38
C PHE A 435 14.60 3.53 -5.74
N ALA A 436 15.43 3.92 -4.77
CA ALA A 436 16.56 4.79 -5.04
C ALA A 436 17.43 4.06 -6.02
N GLY A 437 17.84 2.85 -5.65
CA GLY A 437 18.70 2.01 -6.46
C GLY A 437 18.18 1.83 -7.86
N VAL A 438 16.86 1.74 -8.00
CA VAL A 438 16.23 1.57 -9.30
C VAL A 438 16.10 2.86 -10.13
N THR A 439 15.78 3.97 -9.46
CA THR A 439 15.51 5.24 -10.14
C THR A 439 16.74 6.13 -10.26
N GLY A 440 17.66 5.97 -9.31
CA GLY A 440 18.82 6.85 -9.19
C GLY A 440 18.49 8.10 -8.40
N ASN A 441 17.30 8.14 -7.81
CA ASN A 441 16.84 9.31 -7.07
C ASN A 441 17.50 9.41 -5.68
N GLY A 442 18.27 10.47 -5.49
CA GLY A 442 19.00 10.72 -4.24
C GLY A 442 18.13 11.10 -3.05
N HIS A 443 16.97 11.70 -3.28
CA HIS A 443 16.04 12.04 -2.20
C HIS A 443 15.61 10.75 -1.50
N TYR A 444 15.49 9.68 -2.29
CA TYR A 444 15.14 8.39 -1.74
C TYR A 444 16.24 7.87 -0.81
N GLN A 445 17.48 8.00 -1.27
CA GLN A 445 18.65 7.60 -0.47
C GLN A 445 18.77 8.46 0.78
N TRP A 446 18.40 9.73 0.67
CA TRP A 446 18.32 10.57 1.85
C TRP A 446 17.33 9.96 2.86
N TYR A 447 16.14 9.61 2.38
CA TYR A 447 15.06 9.09 3.22
C TYR A 447 15.47 7.85 3.99
N PHE A 448 16.05 6.89 3.26
CA PHE A 448 16.58 5.66 3.83
C PHE A 448 17.54 5.94 4.98
N ASP A 449 18.58 6.73 4.69
CA ASP A 449 19.58 7.12 5.68
C ASP A 449 18.90 7.57 6.96
N HIS A 450 18.03 8.56 6.84
CA HIS A 450 17.43 9.21 7.99
C HIS A 450 16.43 8.34 8.73
N ILE A 451 15.67 7.53 7.99
CA ILE A 451 14.76 6.57 8.63
C ILE A 451 15.58 5.53 9.39
N LYS A 452 16.54 4.93 8.70
CA LYS A 452 17.41 3.90 9.25
C LYS A 452 18.08 4.35 10.55
N ALA A 453 18.49 5.62 10.57
CA ALA A 453 19.19 6.17 11.71
C ALA A 453 18.24 6.36 12.88
N ASP A 454 17.11 7.02 12.61
CA ASP A 454 16.11 7.30 13.65
C ASP A 454 15.48 6.05 14.22
N ALA A 455 15.65 4.93 13.55
CA ALA A 455 14.95 3.71 13.98
C ALA A 455 15.84 2.51 14.32
N THR A 456 17.15 2.74 14.53
CA THR A 456 18.05 1.64 14.89
C THR A 456 17.71 1.08 16.26
N GLY A 457 17.90 -0.23 16.42
CA GLY A 457 17.56 -0.95 17.65
C GLY A 457 16.11 -1.41 17.66
N THR A 458 15.44 -1.22 16.53
CA THR A 458 14.01 -1.45 16.40
C THR A 458 13.71 -2.77 15.66
N GLU A 459 14.75 -3.32 15.02
N GLU A 459 14.74 -3.33 15.01
CA GLU A 459 14.69 -4.54 14.20
CA GLU A 459 14.60 -4.52 14.15
C GLU A 459 13.96 -5.72 14.84
C GLU A 459 14.04 -5.78 14.84
N MET A 460 13.94 -5.74 16.17
CA MET A 460 13.36 -6.85 16.91
C MET A 460 11.86 -6.70 17.22
N ALA A 461 11.27 -5.56 16.86
CA ALA A 461 9.82 -5.34 17.02
C ALA A 461 9.02 -6.28 16.12
N PHE A 462 7.84 -6.67 16.59
CA PHE A 462 7.04 -7.71 15.94
C PHE A 462 6.76 -7.47 14.45
N TYR A 463 6.57 -6.21 14.05
CA TYR A 463 6.28 -5.88 12.66
C TYR A 463 7.52 -5.77 11.80
N ASN A 464 8.68 -6.08 12.39
CA ASN A 464 9.92 -6.10 11.64
C ASN A 464 10.50 -7.51 11.57
N TYR A 465 10.77 -8.09 12.73
CA TYR A 465 11.31 -9.44 12.81
C TYR A 465 10.32 -10.45 12.22
N GLY A 466 9.03 -10.18 12.43
CA GLY A 466 7.99 -11.09 12.00
C GLY A 466 7.77 -11.09 10.51
N TRP A 467 8.54 -10.28 9.79
CA TRP A 467 8.25 -10.03 8.39
C TRP A 467 9.47 -10.06 7.46
N TRP A 468 10.60 -9.59 7.95
CA TRP A 468 11.83 -9.53 7.14
C TRP A 468 13.09 -9.56 8.00
N ASP A 469 14.19 -9.98 7.41
CA ASP A 469 15.50 -9.87 8.03
C ASP A 469 16.30 -8.85 7.25
N LEU A 470 16.59 -7.73 7.90
CA LEU A 470 17.22 -6.59 7.24
C LEU A 470 18.64 -6.87 6.84
N ASN A 471 19.31 -7.74 7.58
CA ASN A 471 20.65 -8.17 7.21
C ASN A 471 20.63 -8.94 5.90
N PHE A 472 19.55 -9.70 5.68
CA PHE A 472 19.36 -10.36 4.40
C PHE A 472 18.98 -9.37 3.28
N ASP A 473 17.95 -8.57 3.50
CA ASP A 473 17.52 -7.58 2.50
C ASP A 473 18.69 -6.67 2.12
N ASP A 474 19.54 -6.40 3.10
CA ASP A 474 20.74 -5.59 2.94
C ASP A 474 21.75 -6.26 2.03
N LEU A 475 21.99 -7.54 2.27
CA LEU A 475 22.91 -8.33 1.45
C LEU A 475 22.45 -8.35 0.01
N VAL A 476 21.21 -8.82 -0.20
CA VAL A 476 20.57 -8.89 -1.50
C VAL A 476 20.76 -7.59 -2.28
N TYR A 477 20.42 -6.47 -1.64
CA TYR A 477 20.55 -5.16 -2.27
C TYR A 477 21.99 -4.87 -2.66
N ARG A 478 22.90 -5.03 -1.70
CA ARG A 478 24.30 -4.65 -1.88
C ARG A 478 25.01 -5.48 -2.93
N HIS A 479 24.58 -6.73 -3.10
CA HIS A 479 25.10 -7.55 -4.15
C HIS A 479 24.54 -7.18 -5.54
N ASP A 480 23.28 -6.75 -5.57
CA ASP A 480 22.56 -6.57 -6.83
C ASP A 480 22.42 -5.14 -7.36
N TYR A 481 22.65 -4.14 -6.51
CA TYR A 481 22.35 -2.77 -6.89
C TYR A 481 23.47 -1.77 -6.63
N PRO A 482 23.54 -0.71 -7.46
CA PRO A 482 24.46 0.43 -7.31
C PRO A 482 24.37 1.07 -5.92
N GLN A 483 25.31 1.96 -5.61
CA GLN A 483 25.43 2.53 -4.28
C GLN A 483 25.07 4.03 -4.25
N VAL A 484 23.80 4.33 -4.53
CA VAL A 484 23.29 5.71 -4.73
C VAL A 484 23.70 6.71 -3.63
N GLU A 485 23.92 7.97 -4.03
CA GLU A 485 24.32 9.01 -3.08
C GLU A 485 23.12 9.79 -2.58
N ALA A 486 23.17 10.24 -1.33
CA ALA A 486 22.10 11.03 -0.72
C ALA A 486 22.07 12.48 -1.22
N VAL A 487 20.87 13.02 -1.39
CA VAL A 487 20.65 14.42 -1.76
C VAL A 487 19.73 15.06 -0.74
N SER A 488 20.11 16.23 -0.22
CA SER A 488 19.25 16.99 0.67
C SER A 488 17.89 17.22 0.00
N PRO A 489 16.79 16.88 0.71
CA PRO A 489 15.43 16.98 0.23
C PRO A 489 14.94 18.42 0.13
N ALA A 490 15.85 19.37 0.25
CA ALA A 490 15.49 20.78 0.27
C ALA A 490 14.80 21.24 -1.01
N ASP A 491 15.16 20.64 -2.14
CA ASP A 491 14.58 21.04 -3.44
C ASP A 491 13.30 20.28 -3.79
N LEU A 492 12.86 19.42 -2.87
CA LEU A 492 11.62 18.67 -3.02
C LEU A 492 10.41 19.61 -3.07
N PRO A 493 9.62 19.55 -4.17
CA PRO A 493 8.43 20.39 -4.32
C PRO A 493 7.53 20.25 -3.12
N ALA A 494 7.01 21.36 -2.60
CA ALA A 494 6.19 21.31 -1.41
C ALA A 494 5.03 20.32 -1.56
N LEU A 495 4.28 20.45 -2.65
CA LEU A 495 3.03 19.71 -2.82
C LEU A 495 3.16 18.49 -3.71
N ALA A 496 2.47 17.42 -3.33
CA ALA A 496 2.35 16.23 -4.15
C ALA A 496 0.95 15.69 -4.03
N VAL A 497 0.26 15.64 -5.16
CA VAL A 497 -1.09 15.14 -5.20
C VAL A 497 -1.05 13.71 -5.75
N PHE A 498 -1.79 12.83 -5.10
CA PHE A 498 -1.90 11.46 -5.54
C PHE A 498 -3.33 11.24 -6.00
N ASP A 499 -3.57 11.58 -7.26
CA ASP A 499 -4.93 11.64 -7.80
C ASP A 499 -5.58 10.29 -7.92
N ASP A 500 -4.78 9.27 -8.20
CA ASP A 500 -5.30 7.92 -8.39
C ASP A 500 -5.94 7.33 -7.13
N ILE A 501 -5.62 7.90 -5.97
CA ILE A 501 -6.17 7.41 -4.70
C ILE A 501 -6.89 8.51 -3.90
N GLY A 502 -6.74 9.75 -4.32
CA GLY A 502 -7.38 10.87 -3.64
C GLY A 502 -6.67 11.30 -2.36
N TRP A 503 -5.35 11.43 -2.47
CA TRP A 503 -4.48 11.79 -1.35
C TRP A 503 -3.68 13.02 -1.71
N ALA A 504 -3.82 14.08 -0.93
CA ALA A 504 -3.04 15.30 -1.13
C ALA A 504 -2.10 15.55 0.05
N THR A 505 -0.83 15.80 -0.25
CA THR A 505 0.19 15.96 0.79
C THR A 505 1.02 17.22 0.60
N ILE A 506 1.47 17.81 1.71
CA ILE A 506 2.40 18.93 1.70
C ILE A 506 3.57 18.68 2.66
N GLN A 507 4.80 18.82 2.14
CA GLN A 507 6.03 18.75 2.95
C GLN A 507 6.81 20.05 2.92
N LYS A 508 7.11 20.57 4.09
CA LYS A 508 7.94 21.78 4.22
C LYS A 508 9.15 21.52 5.09
N ASP A 509 10.31 21.99 4.62
CA ASP A 509 11.58 21.90 5.35
C ASP A 509 11.76 20.52 5.99
N MET A 510 11.78 19.49 5.15
CA MET A 510 11.87 18.12 5.63
C MET A 510 13.17 17.83 6.39
N GLU A 511 14.22 18.59 6.07
CA GLU A 511 15.55 18.39 6.66
C GLU A 511 15.71 19.01 8.06
N ASP A 512 14.77 19.86 8.45
CA ASP A 512 14.89 20.64 9.68
C ASP A 512 13.88 20.17 10.75
N PRO A 513 14.37 19.59 11.86
CA PRO A 513 13.49 19.10 12.92
C PRO A 513 12.72 20.17 13.70
N ASP A 514 13.01 21.45 13.46
CA ASP A 514 12.29 22.54 14.12
C ASP A 514 11.20 23.07 13.21
N ARG A 515 11.44 22.94 11.91
CA ARG A 515 10.64 23.61 10.88
C ARG A 515 9.87 22.64 9.98
N HIS A 516 10.09 21.33 10.18
CA HIS A 516 9.50 20.27 9.34
C HIS A 516 7.99 20.17 9.48
N LEU A 517 7.30 20.31 8.36
CA LEU A 517 5.85 20.21 8.30
C LEU A 517 5.42 19.07 7.38
N GLN A 518 4.56 18.20 7.89
CA GLN A 518 3.85 17.22 7.08
C GLN A 518 2.35 17.36 7.22
N PHE A 519 1.70 17.55 6.08
CA PHE A 519 0.25 17.64 5.99
C PHE A 519 -0.24 16.70 4.92
N VAL A 520 -1.30 15.96 5.25
CA VAL A 520 -2.01 15.15 4.27
C VAL A 520 -3.51 15.20 4.49
N PHE A 521 -4.21 15.39 3.39
CA PHE A 521 -5.67 15.38 3.33
C PHE A 521 -6.05 14.22 2.42
N LYS A 522 -7.11 13.51 2.79
CA LYS A 522 -7.51 12.31 2.06
C LYS A 522 -9.01 12.33 1.83
N SER A 523 -9.41 12.26 0.57
CA SER A 523 -10.79 12.02 0.20
C SER A 523 -10.74 11.01 -0.93
N SER A 524 -10.98 9.75 -0.60
CA SER A 524 -10.60 8.64 -1.48
C SER A 524 -11.77 7.90 -2.13
N PRO A 525 -11.64 7.58 -3.43
CA PRO A 525 -12.60 6.70 -4.11
C PRO A 525 -12.53 5.25 -3.62
N TYR A 526 -11.74 4.97 -2.58
CA TYR A 526 -11.68 3.62 -2.04
C TYR A 526 -12.49 3.50 -0.76
N GLY A 527 -13.18 4.58 -0.40
CA GLY A 527 -13.99 4.59 0.81
C GLY A 527 -13.24 4.01 1.98
N SER A 528 -13.94 3.20 2.77
CA SER A 528 -13.39 2.54 3.95
C SER A 528 -13.11 1.05 3.67
N LEU A 529 -12.83 0.75 2.41
CA LEU A 529 -12.55 -0.59 1.95
C LEU A 529 -11.16 -1.06 2.40
N SER A 530 -11.07 -2.33 2.79
CA SER A 530 -9.84 -2.99 3.25
C SER A 530 -9.14 -2.22 4.39
N ALA A 531 -7.95 -1.69 4.12
CA ALA A 531 -7.18 -0.97 5.14
C ALA A 531 -7.62 0.48 5.39
N SER A 532 -8.40 1.05 4.46
CA SER A 532 -8.84 2.43 4.58
C SER A 532 -9.88 2.55 5.69
N HIS A 533 -10.05 3.76 6.22
CA HIS A 533 -11.08 3.99 7.23
C HIS A 533 -12.18 4.91 6.69
N GLY A 534 -13.16 5.21 7.55
CA GLY A 534 -14.21 6.17 7.22
C GLY A 534 -13.70 7.57 7.48
N ASP A 535 -12.76 7.99 6.65
CA ASP A 535 -12.00 9.22 6.89
C ASP A 535 -11.84 10.09 5.65
N GLN A 536 -12.89 10.16 4.83
CA GLN A 536 -12.88 11.03 3.67
C GLN A 536 -13.05 12.47 4.15
N ASN A 537 -12.34 13.39 3.51
CA ASN A 537 -12.29 14.79 3.96
C ASN A 537 -11.65 14.92 5.34
N ALA A 538 -10.78 13.98 5.66
CA ALA A 538 -10.01 14.03 6.89
C ALA A 538 -8.65 14.64 6.61
N PHE A 539 -8.03 15.20 7.65
CA PHE A 539 -6.67 15.72 7.52
C PHE A 539 -5.86 15.33 8.73
N VAL A 540 -4.54 15.37 8.56
CA VAL A 540 -3.60 15.24 9.66
C VAL A 540 -2.54 16.33 9.53
N LEU A 541 -2.09 16.84 10.67
CA LEU A 541 -1.10 17.92 10.68
C LEU A 541 0.04 17.71 11.66
N TYR A 542 1.23 17.53 11.09
CA TYR A 542 2.49 17.53 11.82
C TYR A 542 3.21 18.80 11.39
N ALA A 543 3.34 19.75 12.30
CA ALA A 543 4.04 21.00 11.99
C ALA A 543 5.09 21.30 13.02
N HIS A 544 6.08 22.11 12.62
CA HIS A 544 7.19 22.55 13.47
C HIS A 544 7.90 21.42 14.23
N GLY A 545 7.99 20.25 13.58
CA GLY A 545 8.68 19.10 14.15
C GLY A 545 7.94 18.35 15.24
N GLU A 546 6.62 18.50 15.28
CA GLU A 546 5.80 17.74 16.23
C GLU A 546 4.47 17.31 15.63
N ASP A 547 3.89 16.24 16.19
N ASP A 547 3.91 16.21 16.15
CA ASP A 547 2.58 15.75 15.78
CA ASP A 547 2.58 15.77 15.78
C ASP A 547 1.50 16.54 16.51
C ASP A 547 1.53 16.59 16.52
N LEU A 548 0.73 17.33 15.75
CA LEU A 548 -0.29 18.20 16.31
C LEU A 548 -1.71 17.70 16.08
N ALA A 549 -2.14 17.65 14.82
CA ALA A 549 -3.47 17.08 14.49
C ALA A 549 -3.32 15.65 14.05
N ILE A 550 -3.54 14.74 14.99
CA ILE A 550 -3.03 13.36 14.91
C ILE A 550 -4.05 12.33 14.40
N GLN A 551 -3.53 11.17 13.99
CA GLN A 551 -4.33 9.93 13.96
C GLN A 551 -4.36 9.40 15.40
N SER A 552 -5.57 9.24 15.93
CA SER A 552 -5.75 8.90 17.35
C SER A 552 -5.86 7.41 17.60
N GLY A 553 -5.55 6.99 18.81
CA GLY A 553 -5.66 5.60 19.21
C GLY A 553 -4.41 4.79 18.99
N TYR A 554 -4.56 3.47 19.08
CA TYR A 554 -3.47 2.53 18.96
C TYR A 554 -3.89 1.39 18.02
N TYR A 555 -2.90 0.66 17.48
CA TYR A 555 -3.22 -0.48 16.64
C TYR A 555 -3.90 -1.54 17.50
N VAL A 556 -3.26 -1.87 18.63
CA VAL A 556 -3.74 -2.90 19.55
C VAL A 556 -3.70 -4.26 18.85
N ALA A 557 -4.67 -4.48 17.96
CA ALA A 557 -4.79 -5.71 17.18
C ALA A 557 -5.88 -5.53 16.15
N PHE A 558 -5.73 -6.23 15.01
CA PHE A 558 -6.80 -6.30 14.04
C PHE A 558 -7.98 -6.98 14.70
N ASN A 559 -9.18 -6.43 14.52
CA ASN A 559 -10.38 -6.95 15.19
C ASN A 559 -10.38 -6.74 16.71
N SER A 560 -9.71 -5.68 17.16
CA SER A 560 -9.90 -5.18 18.52
C SER A 560 -11.03 -4.16 18.47
N GLN A 561 -11.42 -3.63 19.64
CA GLN A 561 -12.44 -2.58 19.68
C GLN A 561 -11.87 -1.25 19.23
N MET A 562 -10.61 -1.01 19.60
CA MET A 562 -9.87 0.18 19.19
C MET A 562 -9.78 0.21 17.67
N HIS A 563 -9.66 -0.97 17.08
CA HIS A 563 -9.60 -1.10 15.63
C HIS A 563 -10.97 -0.79 15.02
N LEU A 564 -11.96 -1.60 15.37
CA LEU A 564 -13.27 -1.58 14.71
C LEU A 564 -14.19 -0.42 15.07
N ASN A 565 -14.20 -0.02 16.35
CA ASN A 565 -15.10 1.03 16.82
C ASN A 565 -14.46 2.40 17.08
N TRP A 566 -13.14 2.47 16.97
CA TRP A 566 -12.47 3.77 17.00
C TRP A 566 -11.78 4.06 15.68
N ARG A 567 -10.61 3.48 15.46
CA ARG A 567 -9.74 3.83 14.32
C ARG A 567 -10.40 3.73 12.94
N ARG A 568 -11.33 2.79 12.80
CA ARG A 568 -12.03 2.62 11.56
C ARG A 568 -13.05 3.74 11.38
N GLN A 569 -13.58 4.20 12.50
CA GLN A 569 -14.68 5.17 12.53
C GLN A 569 -14.26 6.63 12.29
N THR A 570 -15.17 7.43 11.77
CA THR A 570 -14.97 8.86 11.56
C THR A 570 -14.67 9.56 12.87
N ARG A 571 -15.32 9.13 13.95
CA ARG A 571 -15.19 9.81 15.26
C ARG A 571 -13.76 9.84 15.81
N SER A 572 -12.85 9.09 15.16
CA SER A 572 -11.44 9.09 15.51
C SER A 572 -10.60 9.94 14.55
N LYS A 573 -11.27 10.61 13.61
CA LYS A 573 -10.56 11.42 12.60
C LYS A 573 -10.69 12.91 12.82
N ASN A 574 -9.86 13.67 12.13
CA ASN A 574 -9.99 15.13 12.03
C ASN A 574 -10.97 15.45 10.92
N ALA A 575 -12.24 15.36 11.26
CA ALA A 575 -13.30 15.43 10.27
C ALA A 575 -14.64 15.79 10.92
N VAL A 576 -15.65 16.03 10.10
CA VAL A 576 -16.96 16.38 10.60
C VAL A 576 -17.88 15.17 10.86
N LEU A 577 -18.83 15.34 11.78
CA LEU A 577 -19.94 14.42 11.93
C LEU A 577 -21.23 15.16 11.57
N ILE A 578 -22.19 14.44 11.00
CA ILE A 578 -23.44 15.06 10.59
C ILE A 578 -24.61 14.36 11.28
N GLY A 579 -25.32 15.12 12.10
CA GLY A 579 -26.41 14.60 12.91
C GLY A 579 -25.89 13.49 13.79
N GLY A 580 -24.67 13.67 14.30
CA GLY A 580 -24.01 12.64 15.10
C GLY A 580 -23.68 11.36 14.35
N LYS A 581 -23.72 11.39 13.02
CA LYS A 581 -23.40 10.21 12.24
C LYS A 581 -22.13 10.37 11.38
N GLY A 582 -21.39 9.28 11.24
CA GLY A 582 -20.14 9.28 10.48
C GLY A 582 -20.24 8.46 9.22
N GLN A 583 -19.11 8.29 8.52
CA GLN A 583 -19.11 7.53 7.29
C GLN A 583 -18.98 6.04 7.57
N TYR A 584 -19.70 5.25 6.78
CA TYR A 584 -19.78 3.79 6.96
C TYR A 584 -18.40 3.11 6.99
N ALA A 585 -18.12 2.38 8.05
CA ALA A 585 -16.85 1.69 8.21
C ALA A 585 -16.95 0.22 8.69
N GLU A 586 -18.05 -0.44 8.38
CA GLU A 586 -18.22 -1.85 8.77
C GLU A 586 -17.70 -2.80 7.69
N LYS A 587 -17.79 -4.09 7.97
CA LYS A 587 -17.14 -5.13 7.17
C LYS A 587 -17.67 -5.34 5.74
N ASP A 588 -18.92 -4.96 5.47
CA ASP A 588 -19.45 -5.13 4.11
C ASP A 588 -18.72 -4.22 3.11
N LYS A 589 -17.94 -4.87 2.24
CA LYS A 589 -17.03 -4.15 1.37
C LYS A 589 -17.69 -3.44 0.17
N ALA A 590 -18.89 -3.85 -0.20
CA ALA A 590 -19.62 -3.18 -1.28
C ALA A 590 -20.00 -1.80 -0.80
N LEU A 591 -20.57 -1.76 0.41
CA LEU A 591 -20.96 -0.51 1.05
C LEU A 591 -19.72 0.33 1.31
N ALA A 592 -18.69 -0.30 1.87
CA ALA A 592 -17.42 0.38 2.16
C ALA A 592 -16.87 1.11 0.94
N ARG A 593 -16.77 0.42 -0.19
CA ARG A 593 -16.30 1.02 -1.44
C ARG A 593 -17.28 2.07 -1.97
N ARG A 594 -18.57 1.93 -1.67
CA ARG A 594 -19.53 2.95 -2.06
C ARG A 594 -19.36 4.22 -1.21
N ALA A 595 -19.06 4.05 0.07
CA ALA A 595 -18.89 5.18 1.01
C ALA A 595 -17.61 5.99 0.77
N ALA A 596 -17.48 6.52 -0.44
CA ALA A 596 -16.24 7.11 -0.91
C ALA A 596 -16.28 8.63 -1.05
N GLY A 597 -15.09 9.21 -1.21
CA GLY A 597 -14.94 10.62 -1.57
C GLY A 597 -14.05 10.81 -2.79
N ARG A 598 -13.56 12.03 -2.98
CA ARG A 598 -12.60 12.33 -4.06
C ARG A 598 -12.04 13.73 -3.99
N ILE A 599 -10.85 13.90 -4.58
CA ILE A 599 -10.22 15.20 -4.75
C ILE A 599 -10.89 15.91 -5.92
N VAL A 600 -11.71 16.90 -5.62
CA VAL A 600 -12.43 17.65 -6.64
C VAL A 600 -11.45 18.50 -7.44
N SER A 601 -10.61 19.26 -6.75
CA SER A 601 -9.61 20.11 -7.40
C SER A 601 -8.44 20.47 -6.50
N VAL A 602 -7.28 20.66 -7.14
CA VAL A 602 -6.08 21.15 -6.49
C VAL A 602 -5.58 22.35 -7.27
N GLU A 603 -5.30 23.43 -6.55
CA GLU A 603 -4.83 24.67 -7.16
C GLU A 603 -3.69 25.29 -6.36
N GLU A 604 -2.60 25.58 -7.05
CA GLU A 604 -1.37 26.03 -6.39
C GLU A 604 -0.80 27.31 -6.98
N GLN A 605 -0.45 28.22 -6.09
CA GLN A 605 0.25 29.44 -6.46
C GLN A 605 1.05 29.90 -5.23
N PRO A 606 2.11 30.71 -5.45
CA PRO A 606 2.95 31.10 -4.32
C PRO A 606 2.13 31.46 -3.07
N GLY A 607 2.41 30.78 -1.96
CA GLY A 607 1.77 31.06 -0.69
C GLY A 607 0.27 30.84 -0.65
N HIS A 608 -0.24 29.92 -1.47
CA HIS A 608 -1.66 29.54 -1.44
C HIS A 608 -1.92 28.22 -2.13
N VAL A 609 -2.07 27.17 -1.33
CA VAL A 609 -2.56 25.90 -1.86
C VAL A 609 -4.04 25.73 -1.46
N ARG A 610 -4.78 25.01 -2.29
CA ARG A 610 -6.21 24.82 -2.10
C ARG A 610 -6.62 23.46 -2.60
N ILE A 611 -7.09 22.64 -1.67
CA ILE A 611 -7.61 21.33 -2.01
C ILE A 611 -9.08 21.34 -1.64
N VAL A 612 -9.88 20.72 -2.51
CA VAL A 612 -11.31 20.57 -2.29
C VAL A 612 -11.68 19.09 -2.43
N GLY A 613 -12.31 18.56 -1.37
CA GLY A 613 -12.77 17.17 -1.37
C GLY A 613 -14.27 17.05 -1.27
N ASP A 614 -14.82 16.09 -2.01
CA ASP A 614 -16.24 15.74 -1.92
C ASP A 614 -16.41 14.38 -1.26
N ALA A 615 -16.91 14.38 -0.04
CA ALA A 615 -17.20 13.14 0.70
C ALA A 615 -18.70 12.89 0.85
N THR A 616 -19.49 13.39 -0.11
CA THR A 616 -20.94 13.27 -0.08
C THR A 616 -21.43 11.81 0.05
N ALA A 617 -20.96 10.93 -0.83
CA ALA A 617 -21.32 9.51 -0.79
C ALA A 617 -20.99 8.87 0.56
N ALA A 618 -19.80 9.18 1.07
CA ALA A 618 -19.29 8.64 2.34
C ALA A 618 -20.26 8.80 3.50
N TYR A 619 -20.87 9.98 3.61
CA TYR A 619 -21.80 10.25 4.70
C TYR A 619 -23.18 9.72 4.41
N GLN A 620 -23.51 9.68 3.12
CA GLN A 620 -24.83 9.27 2.66
C GLN A 620 -25.12 7.84 3.01
N VAL A 621 -24.11 6.98 2.93
CA VAL A 621 -24.30 5.56 3.13
C VAL A 621 -24.99 5.25 4.46
N ALA A 622 -24.64 5.99 5.52
CA ALA A 622 -25.25 5.79 6.83
C ALA A 622 -26.33 6.83 7.15
N ASN A 623 -26.53 7.80 6.26
CA ASN A 623 -27.43 8.92 6.51
C ASN A 623 -28.00 9.45 5.21
N PRO A 624 -29.25 9.04 4.87
CA PRO A 624 -29.95 9.42 3.63
C PRO A 624 -30.38 10.91 3.54
N LEU A 625 -30.21 11.66 4.63
CA LEU A 625 -30.57 13.07 4.68
C LEU A 625 -29.51 13.96 4.06
N VAL A 626 -28.28 13.43 3.95
CA VAL A 626 -27.15 14.19 3.43
C VAL A 626 -27.24 14.31 1.91
N GLN A 627 -26.88 15.48 1.37
CA GLN A 627 -26.94 15.73 -0.07
C GLN A 627 -25.65 16.27 -0.66
N LYS A 628 -24.93 17.08 0.12
CA LYS A 628 -23.67 17.70 -0.34
C LYS A 628 -22.73 17.88 0.84
N VAL A 629 -21.53 17.30 0.72
CA VAL A 629 -20.50 17.41 1.77
C VAL A 629 -19.16 17.81 1.16
N LEU A 630 -18.81 19.08 1.30
CA LEU A 630 -17.57 19.60 0.76
C LEU A 630 -16.65 20.10 1.87
N ARG A 631 -15.37 19.79 1.75
CA ARG A 631 -14.35 20.41 2.56
C ARG A 631 -13.29 21.03 1.65
N GLU A 632 -12.95 22.29 1.93
CA GLU A 632 -11.83 22.96 1.30
C GLU A 632 -10.74 23.05 2.35
N THR A 633 -9.50 22.78 1.94
CA THR A 633 -8.36 23.06 2.81
C THR A 633 -7.39 24.02 2.13
N HIS A 634 -7.08 25.11 2.82
CA HIS A 634 -6.19 26.15 2.33
C HIS A 634 -4.90 26.21 3.12
N PHE A 635 -3.78 26.09 2.40
CA PHE A 635 -2.47 26.31 2.96
C PHE A 635 -2.04 27.70 2.55
N VAL A 636 -2.13 28.65 3.47
CA VAL A 636 -1.89 30.06 3.17
C VAL A 636 -0.47 30.50 3.54
N ASN A 637 0.25 31.00 2.55
CA ASN A 637 1.60 31.54 2.72
C ASN A 637 2.47 30.68 3.61
N ASP A 638 2.57 29.40 3.25
CA ASP A 638 3.38 28.42 3.96
C ASP A 638 3.44 28.68 5.47
N SER A 639 2.28 28.81 6.13
CA SER A 639 2.26 29.14 7.54
C SER A 639 1.02 28.64 8.27
N TYR A 640 -0.14 28.84 7.66
CA TYR A 640 -1.40 28.52 8.32
C TYR A 640 -2.47 27.98 7.40
N PHE A 641 -3.59 27.58 8.00
CA PHE A 641 -4.63 26.84 7.31
C PHE A 641 -5.99 27.46 7.51
N VAL A 642 -6.76 27.47 6.43
CA VAL A 642 -8.16 27.81 6.47
C VAL A 642 -8.91 26.60 5.97
N ILE A 643 -9.79 26.06 6.80
CA ILE A 643 -10.60 24.88 6.43
C ILE A 643 -12.07 25.24 6.26
N VAL A 644 -12.61 24.97 5.09
CA VAL A 644 -14.01 25.30 4.79
C VAL A 644 -14.89 24.06 4.71
N ASP A 645 -15.89 23.98 5.59
CA ASP A 645 -16.85 22.88 5.55
C ASP A 645 -18.22 23.35 5.06
N GLU A 646 -18.71 22.68 4.03
CA GLU A 646 -19.98 23.02 3.42
C GLU A 646 -20.86 21.79 3.34
N VAL A 647 -21.94 21.82 4.11
CA VAL A 647 -22.86 20.70 4.24
C VAL A 647 -24.27 21.12 3.87
N GLU A 648 -24.88 20.41 2.90
CA GLU A 648 -26.29 20.58 2.59
C GLU A 648 -27.03 19.27 2.89
N CYS A 649 -28.13 19.37 3.63
CA CYS A 649 -29.03 18.24 3.90
C CYS A 649 -30.46 18.48 3.41
N SER A 650 -31.30 17.47 3.54
CA SER A 650 -32.71 17.61 3.22
C SER A 650 -33.51 18.09 4.45
N GLU A 651 -32.81 18.24 5.58
CA GLU A 651 -33.44 18.53 6.87
C GLU A 651 -32.42 19.13 7.84
N PRO A 652 -32.89 19.94 8.82
CA PRO A 652 -31.97 20.34 9.87
C PRO A 652 -31.16 19.16 10.38
N GLN A 653 -29.84 19.29 10.28
CA GLN A 653 -28.89 18.32 10.84
C GLN A 653 -27.78 19.06 11.59
N GLU A 654 -27.61 18.68 12.85
CA GLU A 654 -26.51 19.15 13.67
C GLU A 654 -25.18 18.92 12.94
N LEU A 655 -24.21 19.82 13.08
CA LEU A 655 -22.87 19.58 12.54
C LEU A 655 -21.81 19.50 13.64
N GLN A 656 -20.87 18.58 13.48
CA GLN A 656 -19.84 18.39 14.50
C GLN A 656 -18.45 18.36 13.90
N TRP A 657 -17.58 19.22 14.41
CA TRP A 657 -16.24 19.36 13.87
C TRP A 657 -15.23 18.80 14.85
N LEU A 658 -14.38 17.90 14.39
CA LEU A 658 -13.45 17.19 15.28
C LEU A 658 -11.98 17.40 14.91
N CYS A 659 -11.16 17.58 15.94
CA CYS A 659 -9.71 17.54 15.80
C CYS A 659 -9.10 16.82 17.01
N HIS A 660 -8.05 16.04 16.78
CA HIS A 660 -7.50 15.12 17.77
C HIS A 660 -6.07 15.45 18.15
N THR A 661 -5.78 15.38 19.46
CA THR A 661 -4.47 15.74 19.99
C THR A 661 -4.01 14.72 21.02
N LEU A 662 -2.70 14.69 21.30
CA LEU A 662 -2.17 13.85 22.37
C LEU A 662 -2.59 14.40 23.73
N GLY A 663 -2.31 15.67 23.98
CA GLY A 663 -2.64 16.29 25.26
C GLY A 663 -4.01 16.95 25.30
N ALA A 664 -4.41 17.39 26.49
CA ALA A 664 -5.69 18.10 26.64
C ALA A 664 -5.66 19.45 25.89
N PRO A 665 -6.71 19.74 25.11
CA PRO A 665 -6.87 21.04 24.46
C PRO A 665 -7.68 22.00 25.31
N GLN A 666 -7.29 23.28 25.29
CA GLN A 666 -8.04 24.35 25.97
C GLN A 666 -9.04 24.93 24.98
N THR A 667 -10.22 25.32 25.46
CA THR A 667 -11.28 25.75 24.56
C THR A 667 -11.83 27.15 24.85
N GLY A 668 -11.91 27.97 23.79
CA GLY A 668 -12.46 29.32 23.90
C GLY A 668 -13.94 29.37 23.57
N ARG A 669 -14.45 30.59 23.40
CA ARG A 669 -15.86 30.81 23.05
C ARG A 669 -16.07 30.45 21.58
N SER A 670 -15.08 30.78 20.75
CA SER A 670 -15.08 30.38 19.34
C SER A 670 -13.68 29.93 18.88
N SER A 671 -12.96 29.25 19.76
CA SER A 671 -11.64 28.74 19.43
C SER A 671 -11.21 27.58 20.32
N PHE A 672 -10.04 27.01 20.02
CA PHE A 672 -9.38 26.06 20.91
C PHE A 672 -7.87 26.20 20.74
N ARG A 673 -7.10 25.68 21.69
CA ARG A 673 -5.64 25.79 21.66
C ARG A 673 -4.99 24.55 22.24
N TYR A 674 -4.03 23.99 21.50
CA TYR A 674 -3.23 22.85 21.98
C TYR A 674 -1.74 23.13 21.95
N ASN A 675 -1.07 22.85 23.05
CA ASN A 675 0.37 22.98 23.08
C ASN A 675 1.06 21.67 23.42
N GLY A 676 1.77 21.12 22.44
CA GLY A 676 2.56 19.92 22.63
C GLY A 676 3.87 20.23 23.32
N ARG A 677 4.86 19.37 23.14
CA ARG A 677 6.13 19.56 23.84
C ARG A 677 6.96 20.72 23.28
N LYS A 678 7.02 20.83 21.97
CA LYS A 678 7.83 21.87 21.32
C LYS A 678 7.02 22.72 20.33
N ALA A 679 5.78 22.31 20.08
CA ALA A 679 4.93 22.97 19.10
C ALA A 679 3.51 22.97 19.59
N GLY A 680 2.71 23.87 19.04
CA GLY A 680 1.29 23.94 19.36
C GLY A 680 0.52 24.52 18.19
N PHE A 681 -0.80 24.53 18.31
CA PHE A 681 -1.63 25.21 17.31
C PHE A 681 -2.94 25.68 17.89
N TYR A 682 -3.57 26.61 17.19
CA TYR A 682 -4.93 26.99 17.56
C TYR A 682 -5.84 26.98 16.33
N GLY A 683 -7.12 26.78 16.61
CA GLY A 683 -8.15 26.79 15.61
C GLY A 683 -9.24 27.74 16.04
N GLN A 684 -9.72 28.56 15.11
CA GLN A 684 -10.75 29.55 15.40
C GLN A 684 -11.86 29.40 14.37
N PHE A 685 -13.07 29.17 14.86
CA PHE A 685 -14.22 29.09 13.99
C PHE A 685 -14.69 30.51 13.73
N VAL A 686 -14.25 31.05 12.59
CA VAL A 686 -14.45 32.47 12.32
C VAL A 686 -15.83 32.80 11.75
N TYR A 687 -16.48 31.81 11.14
CA TYR A 687 -17.73 32.01 10.42
C TYR A 687 -18.47 30.69 10.40
N SER A 688 -19.73 30.73 10.79
CA SER A 688 -20.57 29.54 10.87
C SER A 688 -22.01 29.94 10.56
N SER A 689 -22.43 29.69 9.32
CA SER A 689 -23.78 30.06 8.87
C SER A 689 -24.87 29.41 9.74
N GLY A 690 -24.56 28.25 10.31
CA GLY A 690 -25.48 27.57 11.21
C GLY A 690 -25.50 28.07 12.65
N GLY A 691 -24.75 29.12 12.96
CA GLY A 691 -24.68 29.64 14.33
C GLY A 691 -23.36 29.33 15.01
N THR A 692 -23.12 29.95 16.17
CA THR A 692 -21.88 29.74 16.89
C THR A 692 -21.84 28.35 17.51
N PRO A 693 -20.76 27.58 17.25
CA PRO A 693 -20.62 26.22 17.72
C PRO A 693 -20.23 26.14 19.19
N GLN A 694 -20.91 25.28 19.95
CA GLN A 694 -20.50 25.00 21.33
C GLN A 694 -19.30 24.08 21.29
N ILE A 695 -18.26 24.43 22.03
CA ILE A 695 -17.00 23.73 21.96
C ILE A 695 -16.68 22.96 23.24
N SER A 696 -16.48 21.65 23.10
CA SER A 696 -16.12 20.77 24.21
C SER A 696 -14.77 20.09 23.95
N ALA A 697 -14.01 19.86 25.02
CA ALA A 697 -12.83 19.02 24.95
C ALA A 697 -13.15 17.66 25.55
N VAL A 698 -13.04 16.62 24.74
CA VAL A 698 -13.31 15.25 25.20
C VAL A 698 -12.02 14.49 25.52
N GLU A 699 -12.04 13.79 26.65
CA GLU A 699 -10.97 12.90 27.07
C GLU A 699 -11.19 11.47 26.58
N GLY A 700 -10.09 10.73 26.41
CA GLY A 700 -10.14 9.27 26.26
C GLY A 700 -10.69 8.72 24.96
N PHE A 701 -11.24 7.50 25.03
CA PHE A 701 -11.80 6.81 23.86
C PHE A 701 -13.14 6.15 24.25
N PRO A 702 -14.24 6.93 24.24
CA PRO A 702 -15.51 6.44 24.76
C PRO A 702 -15.98 5.18 24.05
N ASP A 703 -16.56 4.25 24.83
CA ASP A 703 -17.02 2.92 24.38
C ASP A 703 -15.90 1.89 24.12
N ILE A 704 -14.66 2.33 24.05
CA ILE A 704 -13.53 1.43 23.85
C ILE A 704 -13.08 0.79 25.16
N ASP A 705 -13.09 -0.54 25.19
CA ASP A 705 -12.64 -1.35 26.33
C ASP A 705 -11.33 -0.81 26.91
N PRO A 706 -11.38 -0.28 28.15
CA PRO A 706 -10.23 0.36 28.82
C PRO A 706 -9.01 -0.54 28.95
N LYS A 707 -9.22 -1.84 28.86
CA LYS A 707 -8.14 -2.82 28.97
C LYS A 707 -7.19 -2.79 27.76
N GLU A 708 -7.74 -2.52 26.58
CA GLU A 708 -6.98 -2.55 25.32
C GLU A 708 -5.86 -1.51 25.20
N PHE A 709 -6.02 -0.40 25.92
CA PHE A 709 -4.99 0.65 25.96
C PHE A 709 -4.49 0.89 27.38
N GLU A 710 -4.65 -0.10 28.25
CA GLU A 710 -4.21 0.01 29.64
C GLU A 710 -2.71 0.30 29.73
N GLY A 711 -2.36 1.25 30.58
CA GLY A 711 -0.97 1.69 30.73
C GLY A 711 -0.42 2.34 29.48
N LEU A 712 -1.31 2.82 28.61
CA LEU A 712 -0.95 3.68 27.49
C LEU A 712 -1.55 5.06 27.71
N ASP A 713 -0.96 6.07 27.07
CA ASP A 713 -1.46 7.43 27.19
C ASP A 713 -2.78 7.67 26.45
N ILE A 714 -3.81 8.11 27.19
CA ILE A 714 -5.08 8.46 26.56
C ILE A 714 -4.96 9.75 25.75
N HIS A 715 -5.41 9.73 24.50
CA HIS A 715 -5.43 10.93 23.67
C HIS A 715 -6.69 11.77 23.94
N HIS A 716 -6.68 13.00 23.40
CA HIS A 716 -7.82 13.90 23.50
C HIS A 716 -8.32 14.35 22.13
N HIS A 717 -9.49 14.98 22.14
CA HIS A 717 -10.03 15.60 20.94
C HIS A 717 -11.03 16.69 21.29
N VAL A 718 -11.11 17.69 20.43
CA VAL A 718 -12.08 18.75 20.55
C VAL A 718 -13.34 18.43 19.73
N CYS A 719 -14.46 18.98 20.15
CA CYS A 719 -15.74 18.69 19.54
C CYS A 719 -16.59 19.96 19.38
N ALA A 720 -16.45 20.59 18.21
CA ALA A 720 -17.19 21.80 17.88
C ALA A 720 -18.56 21.44 17.29
N THR A 721 -19.61 21.79 18.00
CA THR A 721 -20.98 21.43 17.61
C THR A 721 -21.84 22.62 17.19
N VAL A 722 -22.14 22.70 15.89
CA VAL A 722 -23.07 23.69 15.34
C VAL A 722 -24.49 23.16 15.48
N PRO A 723 -25.44 23.99 15.96
CA PRO A 723 -26.84 23.57 16.07
C PRO A 723 -27.45 23.18 14.72
N ALA A 724 -28.51 22.36 14.77
CA ALA A 724 -29.14 21.82 13.56
C ALA A 724 -29.41 22.86 12.44
N ALA A 725 -29.10 22.48 11.21
CA ALA A 725 -29.31 23.34 10.04
C ALA A 725 -29.29 22.54 8.74
N THR A 726 -30.06 22.99 7.76
CA THR A 726 -30.11 22.28 6.48
C THR A 726 -28.99 22.81 5.57
N ARG A 727 -28.38 23.90 6.02
CA ARG A 727 -27.28 24.50 5.30
C ARG A 727 -26.16 24.85 6.27
N HIS A 728 -24.96 24.34 6.01
CA HIS A 728 -23.80 24.67 6.83
C HIS A 728 -22.68 25.28 6.00
N ARG A 729 -22.15 26.40 6.48
CA ARG A 729 -20.97 27.01 5.91
C ARG A 729 -20.06 27.37 7.09
N LEU A 730 -19.18 26.43 7.45
CA LEU A 730 -18.25 26.63 8.55
C LEU A 730 -16.83 26.94 8.04
N VAL A 731 -16.20 27.96 8.64
CA VAL A 731 -14.82 28.32 8.33
C VAL A 731 -13.94 28.36 9.59
N THR A 732 -12.84 27.60 9.51
CA THR A 732 -11.96 27.36 10.64
C THR A 732 -10.55 27.78 10.29
N LEU A 733 -10.00 28.68 11.09
CA LEU A 733 -8.62 29.09 10.94
C LEU A 733 -7.74 28.18 11.80
N LEU A 734 -6.70 27.60 11.20
CA LEU A 734 -5.73 26.79 11.92
C LEU A 734 -4.34 27.37 11.83
N VAL A 735 -3.79 27.76 12.98
CA VAL A 735 -2.47 28.35 13.04
C VAL A 735 -1.58 27.54 13.95
N PRO A 736 -0.67 26.75 13.34
CA PRO A 736 0.41 26.02 14.02
C PRO A 736 1.59 26.93 14.30
N TYR A 737 2.42 26.55 15.26
CA TYR A 737 3.56 27.39 15.64
C TYR A 737 4.59 26.62 16.46
N SER A 738 5.82 27.08 16.38
CA SER A 738 6.86 26.73 17.33
C SER A 738 6.47 27.38 18.65
N LEU A 739 6.45 26.61 19.74
CA LEU A 739 6.13 27.12 21.08
C LEU A 739 6.96 28.34 21.51
N LYS A 740 8.26 28.33 21.19
CA LYS A 740 9.13 29.49 21.34
C LYS A 740 8.50 30.76 20.72
N GLU A 741 7.94 30.62 19.52
CA GLU A 741 7.44 31.74 18.72
C GLU A 741 5.96 31.61 18.31
N PRO A 742 5.05 31.84 19.26
CA PRO A 742 3.60 31.65 19.02
C PRO A 742 3.06 32.60 17.96
N LYS A 743 2.18 32.10 17.11
CA LYS A 743 1.69 32.89 15.98
C LYS A 743 0.21 33.24 16.12
N ARG A 744 -0.16 34.36 15.50
CA ARG A 744 -1.52 34.85 15.58
C ARG A 744 -1.94 35.45 14.23
N ILE A 745 -3.09 35.02 13.74
CA ILE A 745 -3.66 35.57 12.51
C ILE A 745 -4.91 36.36 12.87
N PHE A 746 -5.10 37.49 12.19
CA PHE A 746 -6.29 38.32 12.36
C PHE A 746 -7.20 38.19 11.15
N SER A 747 -8.50 38.12 11.39
CA SER A 747 -9.47 37.90 10.33
C SER A 747 -10.58 38.94 10.34
N PHE A 748 -11.20 39.11 9.18
CA PHE A 748 -12.23 40.10 9.01
C PHE A 748 -13.23 39.61 7.96
N ILE A 749 -14.52 39.73 8.30
CA ILE A 749 -15.61 39.18 7.47
C ILE A 749 -16.37 40.27 6.71
N ASP A 750 -16.39 40.17 5.39
CA ASP A 750 -17.18 41.05 4.52
C ASP A 750 -18.36 40.26 3.94
N ASP A 751 -19.33 39.93 4.79
CA ASP A 751 -20.38 38.96 4.44
C ASP A 751 -21.39 39.53 3.44
N GLN A 752 -22.03 40.63 3.82
CA GLN A 752 -23.00 41.32 2.97
C GLN A 752 -22.52 41.25 1.53
N GLY A 753 -23.34 40.65 0.68
CA GLY A 753 -23.00 40.45 -0.73
C GLY A 753 -23.45 39.08 -1.21
N PHE A 754 -23.27 38.83 -2.51
CA PHE A 754 -23.60 37.53 -3.10
C PHE A 754 -22.80 36.44 -2.40
N SER A 755 -21.49 36.65 -2.30
CA SER A 755 -20.57 35.76 -1.58
C SER A 755 -20.12 36.32 -0.23
N THR A 756 -19.85 35.42 0.71
CA THR A 756 -19.31 35.79 2.03
C THR A 756 -17.77 35.82 2.02
N ASP A 757 -17.21 37.04 2.06
CA ASP A 757 -15.77 37.24 1.98
C ASP A 757 -15.10 37.25 3.35
N ILE A 758 -13.94 36.58 3.48
CA ILE A 758 -13.17 36.63 4.73
C ILE A 758 -11.71 36.97 4.46
N TYR A 759 -11.25 38.04 5.12
CA TYR A 759 -9.90 38.57 4.93
C TYR A 759 -9.01 38.26 6.13
N PHE A 760 -7.90 37.58 5.85
CA PHE A 760 -6.94 37.19 6.88
C PHE A 760 -5.67 37.97 6.72
N SER A 761 -4.96 38.20 7.82
CA SER A 761 -3.57 38.68 7.74
C SER A 761 -2.76 38.38 9.00
N ASP A 762 -1.43 38.41 8.85
CA ASP A 762 -0.49 38.22 9.96
C ASP A 762 0.01 39.55 10.54
N VAL A 763 0.95 39.48 11.47
CA VAL A 763 1.47 40.68 12.15
C VAL A 763 2.37 41.53 11.27
N ASP A 764 2.61 41.08 10.05
CA ASP A 764 3.37 41.84 9.07
C ASP A 764 2.44 42.32 7.98
N ASP A 765 1.15 42.34 8.30
CA ASP A 765 0.07 42.73 7.40
C ASP A 765 0.22 42.21 5.97
N GLU A 766 0.38 40.89 5.86
CA GLU A 766 0.29 40.21 4.57
C GLU A 766 -1.01 39.45 4.57
N ARG A 767 -1.81 39.72 3.55
CA ARG A 767 -3.24 39.47 3.59
C ARG A 767 -3.57 38.24 2.80
N PHE A 768 -4.73 37.66 3.09
CA PHE A 768 -5.31 36.56 2.32
C PHE A 768 -6.82 36.72 2.17
N LYS A 769 -7.30 36.54 0.95
CA LYS A 769 -8.70 36.77 0.61
C LYS A 769 -9.43 35.46 0.32
N LEU A 770 -10.39 35.14 1.17
CA LEU A 770 -11.25 34.01 0.92
C LEU A 770 -12.57 34.52 0.41
N SER A 771 -12.87 34.19 -0.85
CA SER A 771 -14.12 34.59 -1.48
C SER A 771 -15.05 33.38 -1.62
N LEU A 772 -16.01 33.28 -0.71
CA LEU A 772 -16.89 32.10 -0.59
C LEU A 772 -18.33 32.32 -1.08
N PRO A 773 -18.69 31.74 -2.24
CA PRO A 773 -20.10 31.78 -2.67
C PRO A 773 -21.04 31.24 -1.57
N LYS A 774 -22.29 31.66 -1.60
CA LYS A 774 -23.25 31.19 -0.61
C LYS A 774 -23.94 29.89 -1.01
N GLN A 775 -23.65 29.42 -2.22
CA GLN A 775 -24.18 28.15 -2.70
C GLN A 775 -23.03 27.29 -3.18
N PHE A 776 -23.18 25.97 -3.09
CA PHE A 776 -22.07 25.06 -3.41
C PHE A 776 -22.45 23.79 -4.19
#